data_7XZR
#
_entry.id   7XZR
#
_cell.length_a   53.110
_cell.length_b   167.650
_cell.length_c   53.710
_cell.angle_alpha   90.00
_cell.angle_beta   108.50
_cell.angle_gamma   90.00
#
_symmetry.space_group_name_H-M   'P 1 21 1'
#
loop_
_entity.id
_entity.type
_entity.pdbx_description
1 polymer 'TRAF2 and NCK-interacting protein kinase'
2 polymer 'thiopeptide TP15'
3 non-polymer 'PHOSPHOAMINOPHOSPHONIC ACID-ADENYLATE ESTER'
4 non-polymer 'MAGNESIUM ION'
5 non-polymer 'SULFATE ION'
6 non-polymer 'TRIETHYLENE GLYCOL'
7 water water
#
loop_
_entity_poly.entity_id
_entity_poly.type
_entity_poly.pdbx_seq_one_letter_code
_entity_poly.pdbx_strand_id
1 'polypeptide(L)'
;GPDEIDLSALRDPAGIFELVELVGNGTYGQVYKGRHVKTGQLAAIKVMDVTGDEEEEIKQEINMLKKYSHHRNIATYYGA
FIKKNPPGMDDQLWLVMEFCGAGSVTDLIKNTKGNTLKEEWIAYICREILRGLSHLHQHKVIHRDIKGQNVLLTENAEVK
LVDFGVSAQLDR(TPO)VGRRN(TPO)FIGTPYWMAPEVIACDENPDATYDFKSDLWSLGITAIEMAEGAPPLCDMHPMR
ALFLIPRNPAPRLKSKKWSKKFQSFIESCLVKNHSQRPATEQLMKHPFIRDQPNERQVRIQLKDHIDRTKKKRG
;
A,B
2 'polypeptide(L)' (DHA)WTIRTRGRIAT(BB9)(DHA)(BB9)(DHA)(BB9)(MOH) C,D
#
loop_
_chem_comp.id
_chem_comp.type
_chem_comp.name
_chem_comp.formula
ANP non-polymer 'PHOSPHOAMINOPHOSPHONIC ACID-ADENYLATE ESTER' 'C10 H17 N6 O12 P3'
MG non-polymer 'MAGNESIUM ION' 'Mg 2'
MOH non-polymer METHANOL 'C H4 O'
PGE non-polymer 'TRIETHYLENE GLYCOL' 'C6 H14 O4'
SO4 non-polymer 'SULFATE ION' 'O4 S -2'
#
# COMPACT_ATOMS: atom_id res chain seq x y z
N GLU A 4 36.44 -7.24 13.24
CA GLU A 4 35.21 -6.52 13.58
C GLU A 4 35.24 -6.06 15.05
N ILE A 5 34.18 -5.38 15.49
CA ILE A 5 34.10 -4.81 16.83
C ILE A 5 33.73 -5.90 17.83
N ASP A 6 34.30 -5.81 19.05
CA ASP A 6 34.08 -6.78 20.12
C ASP A 6 33.38 -6.07 21.28
N LEU A 7 32.13 -6.45 21.54
CA LEU A 7 31.32 -5.71 22.50
C LEU A 7 31.77 -5.92 23.93
N SER A 8 32.58 -6.95 24.19
CA SER A 8 33.07 -7.21 25.54
C SER A 8 34.17 -6.24 25.94
N ALA A 9 34.82 -5.59 24.98
CA ALA A 9 35.90 -4.67 25.27
C ALA A 9 35.43 -3.25 25.55
N LEU A 10 34.11 -2.98 25.53
CA LEU A 10 33.64 -1.63 25.76
C LEU A 10 33.48 -1.33 27.23
N ARG A 11 33.80 -0.09 27.60
CA ARG A 11 33.87 0.33 28.99
C ARG A 11 32.63 1.10 29.40
N ASP A 12 32.45 1.24 30.70
CA ASP A 12 31.35 2.04 31.20
C ASP A 12 31.57 3.49 30.83
N PRO A 13 30.54 4.19 30.34
CA PRO A 13 30.69 5.63 30.08
C PRO A 13 30.82 6.46 31.34
N ALA A 14 30.81 5.83 32.52
CA ALA A 14 30.87 6.51 33.81
C ALA A 14 30.02 7.77 33.78
N GLY A 15 30.56 8.87 34.29
CA GLY A 15 29.89 10.15 34.17
C GLY A 15 30.58 11.04 33.14
N ILE A 16 31.02 10.44 32.03
CA ILE A 16 31.75 11.18 31.00
C ILE A 16 30.81 11.99 30.14
N PHE A 17 29.61 11.45 29.89
CA PHE A 17 28.57 12.13 29.13
C PHE A 17 27.31 12.16 29.98
N GLU A 18 26.57 13.26 29.88
CA GLU A 18 25.25 13.34 30.46
C GLU A 18 24.23 13.45 29.34
N LEU A 19 23.13 12.73 29.48
CA LEU A 19 22.05 12.79 28.51
C LEU A 19 21.24 14.06 28.76
N VAL A 20 21.20 14.94 27.77
CA VAL A 20 20.49 16.21 27.96
C VAL A 20 19.01 15.95 27.71
N GLU A 21 18.63 15.67 26.46
CA GLU A 21 17.24 15.42 26.12
C GLU A 21 17.14 14.39 25.00
N LEU A 22 15.97 13.77 24.92
CA LEU A 22 15.65 12.86 23.83
C LEU A 22 15.41 13.63 22.53
N VAL A 23 16.05 13.21 21.44
CA VAL A 23 15.85 13.86 20.16
C VAL A 23 15.38 12.90 19.08
N GLY A 24 15.50 11.60 19.28
CA GLY A 24 15.14 10.67 18.24
C GLY A 24 14.69 9.34 18.80
N ASN A 25 13.80 8.69 18.07
CA ASN A 25 13.49 7.27 18.25
C ASN A 25 13.21 6.74 16.85
N GLY A 26 14.09 5.89 16.36
CA GLY A 26 13.86 5.34 15.05
C GLY A 26 13.37 3.91 15.14
N THR A 27 14.14 3.00 14.57
CA THR A 27 13.75 1.59 14.55
C THR A 27 14.06 0.88 15.87
N TYR A 28 15.21 1.14 16.48
CA TYR A 28 15.60 0.42 17.69
C TYR A 28 16.45 1.33 18.56
N GLY A 29 16.01 1.52 19.81
CA GLY A 29 16.73 2.36 20.73
C GLY A 29 16.32 3.82 20.62
N GLN A 30 17.05 4.67 21.34
CA GLN A 30 16.73 6.09 21.37
C GLN A 30 18.00 6.92 21.29
N VAL A 31 17.88 8.08 20.66
CA VAL A 31 18.98 9.02 20.47
C VAL A 31 18.73 10.23 21.35
N TYR A 32 19.75 10.63 22.10
CA TYR A 32 19.69 11.81 22.93
C TYR A 32 20.70 12.82 22.46
N LYS A 33 20.36 14.09 22.67
CA LYS A 33 21.38 15.13 22.76
C LYS A 33 22.26 14.82 23.97
N GLY A 34 23.54 14.59 23.73
CA GLY A 34 24.49 14.28 24.79
C GLY A 34 25.48 15.42 24.97
N ARG A 35 26.01 15.55 26.19
CA ARG A 35 26.95 16.60 26.51
C ARG A 35 28.15 16.02 27.24
N HIS A 36 29.34 16.20 26.68
CA HIS A 36 30.58 15.80 27.36
C HIS A 36 30.83 16.75 28.51
N VAL A 37 30.73 16.24 29.74
CA VAL A 37 30.55 17.15 30.88
C VAL A 37 31.78 18.01 31.16
N LYS A 38 32.99 17.49 30.94
CA LYS A 38 34.18 18.30 31.17
C LYS A 38 34.21 19.50 30.23
N THR A 39 34.30 19.22 28.93
CA THR A 39 34.48 20.23 27.90
C THR A 39 33.18 20.90 27.47
N GLY A 40 32.02 20.35 27.81
CA GLY A 40 30.74 20.85 27.32
C GLY A 40 30.42 20.50 25.88
N GLN A 41 31.31 19.81 25.17
CA GLN A 41 31.08 19.45 23.79
C GLN A 41 29.81 18.61 23.64
N LEU A 42 29.04 18.88 22.60
CA LEU A 42 27.81 18.16 22.34
C LEU A 42 28.07 16.96 21.44
N ALA A 43 27.30 15.89 21.65
CA ALA A 43 27.32 14.70 20.80
C ALA A 43 25.94 14.06 20.86
N ALA A 44 25.63 13.26 19.84
CA ALA A 44 24.45 12.39 19.86
C ALA A 44 24.83 11.07 20.51
N ILE A 45 23.92 10.55 21.33
CA ILE A 45 24.14 9.29 22.04
C ILE A 45 22.97 8.36 21.74
N LYS A 46 23.22 7.37 20.89
CA LYS A 46 22.24 6.36 20.58
C LYS A 46 22.37 5.26 21.63
N VAL A 47 21.29 5.01 22.35
CA VAL A 47 21.24 4.08 23.48
C VAL A 47 20.41 2.87 23.08
N MET A 48 21.00 1.68 23.12
CA MET A 48 20.32 0.45 22.73
C MET A 48 20.62 -0.69 23.68
N ASP A 49 19.56 -1.33 24.18
CA ASP A 49 19.73 -2.50 25.02
C ASP A 49 20.54 -3.58 24.30
N VAL A 50 21.51 -4.16 24.99
CA VAL A 50 22.31 -5.22 24.40
C VAL A 50 21.60 -6.55 24.53
N THR A 51 21.54 -7.30 23.44
CA THR A 51 20.73 -8.50 23.37
C THR A 51 21.29 -9.30 22.21
N GLY A 52 21.43 -10.62 22.38
CA GLY A 52 21.90 -11.44 21.28
C GLY A 52 21.05 -11.30 20.04
N ASP A 53 19.78 -10.91 20.21
CA ASP A 53 18.83 -10.74 19.13
C ASP A 53 19.12 -9.52 18.26
N GLU A 54 19.74 -8.49 18.82
CA GLU A 54 19.98 -7.23 18.12
C GLU A 54 21.46 -6.95 17.87
N GLU A 55 22.34 -7.91 18.21
CA GLU A 55 23.75 -7.58 18.33
C GLU A 55 24.44 -7.49 16.97
N GLU A 56 24.04 -8.33 16.01
CA GLU A 56 24.64 -8.22 14.69
C GLU A 56 24.31 -6.87 14.05
N GLU A 57 23.07 -6.41 14.20
CA GLU A 57 22.72 -5.11 13.65
C GLU A 57 23.50 -3.99 14.35
N ILE A 58 23.74 -4.13 15.65
CA ILE A 58 24.45 -3.08 16.36
C ILE A 58 25.92 -3.05 15.93
N LYS A 59 26.54 -4.22 15.77
CA LYS A 59 27.94 -4.27 15.34
C LYS A 59 28.13 -3.76 13.92
N GLN A 60 27.21 -4.10 13.01
CA GLN A 60 27.33 -3.66 11.63
C GLN A 60 27.30 -2.13 11.53
N GLU A 61 26.42 -1.49 12.29
CA GLU A 61 26.38 -0.04 12.28
C GLU A 61 27.66 0.55 12.86
N ILE A 62 28.21 -0.06 13.91
CA ILE A 62 29.41 0.51 14.54
C ILE A 62 30.62 0.37 13.62
N ASN A 63 30.80 -0.80 13.00
CA ASN A 63 31.91 -0.95 12.05
C ASN A 63 31.79 0.01 10.86
N MET A 64 30.59 0.18 10.30
CA MET A 64 30.41 1.12 9.20
C MET A 64 30.84 2.52 9.61
N LEU A 65 30.40 2.96 10.79
CA LEU A 65 30.70 4.30 11.26
C LEU A 65 32.20 4.46 11.51
N LYS A 66 32.84 3.45 12.13
CA LYS A 66 34.28 3.50 12.37
C LYS A 66 35.05 3.64 11.07
N LYS A 67 34.68 2.86 10.05
CA LYS A 67 35.47 2.83 8.82
C LYS A 67 35.18 4.00 7.90
N TYR A 68 33.96 4.53 7.89
CA TYR A 68 33.56 5.43 6.82
C TYR A 68 33.02 6.79 7.24
N SER A 69 32.87 7.06 8.53
CA SER A 69 32.19 8.31 8.88
C SER A 69 33.14 9.52 8.88
N HIS A 70 34.43 9.33 8.58
CA HIS A 70 35.33 10.45 8.40
C HIS A 70 34.87 11.36 7.28
N HIS A 71 34.07 10.87 6.34
CA HIS A 71 33.60 11.73 5.26
C HIS A 71 32.64 12.78 5.79
N ARG A 72 32.71 13.98 5.22
CA ARG A 72 31.99 15.10 5.79
C ARG A 72 30.46 15.01 5.60
N ASN A 73 29.95 14.08 4.79
CA ASN A 73 28.51 13.89 4.65
C ASN A 73 27.99 12.67 5.43
N ILE A 74 28.79 12.11 6.33
CA ILE A 74 28.34 11.07 7.23
C ILE A 74 28.61 11.57 8.64
N ALA A 75 27.69 11.32 9.56
CA ALA A 75 27.86 11.82 10.92
C ALA A 75 29.06 11.13 11.57
N THR A 76 29.98 11.93 12.12
CA THR A 76 31.30 11.44 12.51
C THR A 76 31.25 10.63 13.80
N TYR A 77 31.83 9.44 13.77
CA TYR A 77 31.81 8.55 14.92
C TYR A 77 32.84 9.01 15.95
N TYR A 78 32.44 9.00 17.22
CA TYR A 78 33.36 9.34 18.32
C TYR A 78 33.74 8.13 19.16
N GLY A 79 32.80 7.25 19.48
CA GLY A 79 33.14 6.08 20.28
C GLY A 79 31.90 5.33 20.73
N ALA A 80 32.14 4.30 21.52
CA ALA A 80 31.08 3.42 21.98
C ALA A 80 31.41 2.95 23.39
N PHE A 81 30.39 2.95 24.24
CA PHE A 81 30.48 2.55 25.64
C PHE A 81 29.35 1.58 25.93
N ILE A 82 29.38 0.97 27.11
CA ILE A 82 28.30 0.13 27.61
C ILE A 82 28.03 0.49 29.06
N LYS A 83 26.85 1.00 29.34
CA LYS A 83 26.40 1.21 30.72
C LYS A 83 26.09 -0.14 31.36
N LYS A 84 26.84 -0.51 32.38
CA LYS A 84 26.55 -1.72 33.13
C LYS A 84 25.41 -1.47 34.10
N ASN A 85 24.46 -2.39 34.13
CA ASN A 85 23.29 -2.27 34.98
C ASN A 85 23.21 -3.45 35.93
N PRO A 86 22.47 -3.31 37.04
CA PRO A 86 22.37 -4.41 38.01
C PRO A 86 21.87 -5.69 37.36
N PRO A 87 22.01 -6.83 38.06
CA PRO A 87 21.71 -8.13 37.42
C PRO A 87 20.27 -8.32 36.94
N GLY A 88 19.30 -7.57 37.48
CA GLY A 88 17.94 -7.64 36.95
C GLY A 88 17.59 -6.52 35.98
N MET A 89 18.44 -6.29 34.96
CA MET A 89 18.26 -5.21 34.01
C MET A 89 19.28 -5.29 32.88
N ASP A 90 18.83 -5.20 31.64
CA ASP A 90 19.74 -5.30 30.50
C ASP A 90 20.78 -4.19 30.55
N ASP A 91 21.96 -4.51 30.03
CA ASP A 91 23.00 -3.52 29.79
C ASP A 91 22.65 -2.72 28.54
N GLN A 92 23.19 -1.50 28.46
CA GLN A 92 22.88 -0.57 27.37
C GLN A 92 24.14 -0.10 26.68
N LEU A 93 24.13 -0.16 25.35
CA LEU A 93 25.21 0.35 24.53
C LEU A 93 24.94 1.82 24.21
N TRP A 94 25.95 2.67 24.41
CA TRP A 94 25.91 4.08 24.05
C TRP A 94 26.79 4.28 22.83
N LEU A 95 26.18 4.58 21.70
CA LEU A 95 26.92 4.91 20.49
C LEU A 95 27.02 6.44 20.38
N VAL A 96 28.24 6.97 20.47
CA VAL A 96 28.50 8.42 20.61
C VAL A 96 29.03 8.97 19.28
N MET A 97 28.30 9.93 18.69
CA MET A 97 28.73 10.51 17.43
C MET A 97 28.46 12.01 17.40
N GLU A 98 28.84 12.62 16.28
CA GLU A 98 28.61 14.04 15.99
C GLU A 98 27.14 14.41 16.16
N PHE A 99 26.90 15.53 16.84
CA PHE A 99 25.53 15.97 17.08
C PHE A 99 25.04 16.80 15.91
N CYS A 100 23.94 16.38 15.27
CA CYS A 100 23.33 17.13 14.18
C CYS A 100 22.18 17.94 14.78
N GLY A 101 22.46 19.21 15.07
CA GLY A 101 21.61 19.98 15.96
C GLY A 101 20.26 20.37 15.41
N ALA A 102 20.01 20.24 14.10
CA ALA A 102 18.79 20.74 13.47
C ALA A 102 17.79 19.64 13.15
N GLY A 103 18.09 18.39 13.50
CA GLY A 103 17.16 17.32 13.25
C GLY A 103 17.24 16.77 11.84
N SER A 104 16.24 15.97 11.51
CA SER A 104 16.21 15.24 10.25
C SER A 104 15.51 16.07 9.17
N VAL A 105 15.64 15.59 7.94
CA VAL A 105 14.95 16.23 6.83
C VAL A 105 13.44 16.07 7.00
N THR A 106 13.01 14.93 7.54
CA THR A 106 11.60 14.71 7.83
C THR A 106 11.10 15.73 8.84
N ASP A 107 11.80 15.84 9.98
CA ASP A 107 11.60 16.94 10.93
C ASP A 107 11.43 18.29 10.21
N LEU A 108 12.34 18.60 9.29
CA LEU A 108 12.28 19.90 8.63
C LEU A 108 11.04 20.01 7.75
N ILE A 109 10.68 18.96 7.03
CA ILE A 109 9.50 19.03 6.20
C ILE A 109 8.24 19.18 7.06
N LYS A 110 8.23 18.58 8.25
CA LYS A 110 7.03 18.67 9.09
C LYS A 110 6.79 20.09 9.58
N ASN A 111 7.85 20.82 9.93
CA ASN A 111 7.71 22.15 10.49
C ASN A 111 7.73 23.26 9.44
N THR A 112 7.82 22.93 8.15
CA THR A 112 7.72 23.94 7.08
C THR A 112 6.27 24.11 6.66
N LYS A 113 5.85 25.36 6.44
CA LYS A 113 4.50 25.63 5.98
C LYS A 113 4.20 24.91 4.69
N GLY A 114 3.12 24.13 4.67
CA GLY A 114 2.78 23.41 3.46
C GLY A 114 3.63 22.20 3.18
N ASN A 115 4.53 21.82 4.10
CA ASN A 115 5.28 20.57 4.04
C ASN A 115 6.03 20.39 2.71
N THR A 116 6.62 21.48 2.23
CA THR A 116 7.30 21.49 0.94
C THR A 116 8.55 22.34 1.07
N LEU A 117 9.66 21.84 0.54
CA LEU A 117 10.90 22.59 0.55
C LEU A 117 11.04 23.40 -0.74
N LYS A 118 11.76 24.52 -0.66
CA LYS A 118 12.12 25.24 -1.87
C LYS A 118 13.03 24.35 -2.70
N GLU A 119 12.87 24.42 -4.03
CA GLU A 119 13.61 23.52 -4.90
C GLU A 119 15.12 23.66 -4.74
N GLU A 120 15.61 24.90 -4.53
CA GLU A 120 17.05 25.13 -4.34
C GLU A 120 17.57 24.39 -3.11
N TRP A 121 16.76 24.29 -2.05
CA TRP A 121 17.16 23.48 -0.90
C TRP A 121 17.14 22.01 -1.24
N ILE A 122 16.18 21.57 -2.06
CA ILE A 122 16.12 20.17 -2.46
C ILE A 122 17.37 19.82 -3.27
N ALA A 123 17.76 20.71 -4.17
CA ALA A 123 18.94 20.44 -5.00
C ALA A 123 20.19 20.34 -4.14
N TYR A 124 20.33 21.23 -3.15
CA TYR A 124 21.49 21.24 -2.28
C TYR A 124 21.55 19.98 -1.43
N ILE A 125 20.45 19.66 -0.76
CA ILE A 125 20.38 18.47 0.07
C ILE A 125 20.66 17.22 -0.76
N CYS A 126 20.06 17.12 -1.95
CA CYS A 126 20.24 15.91 -2.76
C CYS A 126 21.70 15.73 -3.16
N ARG A 127 22.36 16.83 -3.53
CA ARG A 127 23.76 16.75 -3.91
C ARG A 127 24.61 16.29 -2.73
N GLU A 128 24.30 16.79 -1.53
CA GLU A 128 25.04 16.35 -0.36
C GLU A 128 24.81 14.86 -0.13
N ILE A 129 23.55 14.40 -0.21
CA ILE A 129 23.27 12.97 -0.09
C ILE A 129 24.04 12.18 -1.14
N LEU A 130 24.03 12.67 -2.37
CA LEU A 130 24.71 11.98 -3.46
C LEU A 130 26.21 11.87 -3.19
N ARG A 131 26.82 12.92 -2.60
CA ARG A 131 28.24 12.88 -2.31
C ARG A 131 28.58 11.83 -1.26
N GLY A 132 27.79 11.77 -0.18
CA GLY A 132 27.97 10.72 0.80
C GLY A 132 27.76 9.34 0.19
N LEU A 133 26.68 9.18 -0.60
CA LEU A 133 26.46 7.92 -1.29
C LEU A 133 27.64 7.57 -2.17
N SER A 134 28.16 8.55 -2.91
CA SER A 134 29.30 8.32 -3.77
C SER A 134 30.50 7.82 -2.99
N HIS A 135 30.69 8.33 -1.77
CA HIS A 135 31.77 7.84 -0.93
C HIS A 135 31.55 6.39 -0.56
N LEU A 136 30.33 6.06 -0.11
CA LEU A 136 30.03 4.70 0.31
C LEU A 136 30.13 3.73 -0.87
N HIS A 137 29.62 4.12 -2.04
CA HIS A 137 29.61 3.21 -3.19
C HIS A 137 31.02 2.94 -3.70
N GLN A 138 31.91 3.94 -3.62
CA GLN A 138 33.30 3.71 -3.94
C GLN A 138 33.95 2.72 -2.98
N HIS A 139 33.51 2.71 -1.73
CA HIS A 139 33.98 1.74 -0.75
C HIS A 139 33.15 0.45 -0.75
N LYS A 140 32.32 0.25 -1.79
CA LYS A 140 31.53 -0.98 -1.95
C LYS A 140 30.56 -1.20 -0.81
N VAL A 141 29.97 -0.11 -0.31
CA VAL A 141 28.92 -0.14 0.70
C VAL A 141 27.60 0.28 0.04
N ILE A 142 26.54 -0.48 0.31
CA ILE A 142 25.17 -0.05 0.01
C ILE A 142 24.52 0.38 1.31
N HIS A 143 23.92 1.58 1.33
CA HIS A 143 23.27 2.05 2.55
C HIS A 143 22.02 1.24 2.86
N ARG A 144 21.14 1.10 1.88
CA ARG A 144 19.89 0.34 1.90
C ARG A 144 18.78 0.95 2.76
N ASP A 145 18.98 2.10 3.38
CA ASP A 145 17.85 2.75 4.07
C ASP A 145 17.85 4.26 3.89
N ILE A 146 18.01 4.73 2.65
CA ILE A 146 17.99 6.16 2.38
C ILE A 146 16.55 6.65 2.43
N LYS A 147 16.27 7.60 3.32
CA LYS A 147 14.95 8.22 3.47
C LYS A 147 15.11 9.47 4.34
N GLY A 148 14.04 10.28 4.39
CA GLY A 148 14.12 11.55 5.11
C GLY A 148 14.56 11.40 6.56
N GLN A 149 14.11 10.33 7.24
CA GLN A 149 14.41 10.18 8.67
C GLN A 149 15.90 9.99 8.91
N ASN A 150 16.63 9.45 7.94
CA ASN A 150 18.04 9.11 8.11
C ASN A 150 18.98 10.12 7.45
N VAL A 151 18.47 11.29 7.07
CA VAL A 151 19.28 12.39 6.56
C VAL A 151 19.12 13.56 7.51
N LEU A 152 20.22 14.01 8.11
CA LEU A 152 20.19 14.98 9.20
C LEU A 152 20.86 16.29 8.78
N LEU A 153 20.55 17.34 9.55
CA LEU A 153 21.03 18.69 9.30
C LEU A 153 21.76 19.19 10.54
N THR A 154 22.95 19.76 10.36
CA THR A 154 23.65 20.37 11.49
C THR A 154 23.05 21.75 11.78
N GLU A 155 23.51 22.37 12.87
CA GLU A 155 23.06 23.72 13.16
C GLU A 155 23.44 24.69 12.05
N ASN A 156 24.40 24.33 11.19
CA ASN A 156 24.86 25.16 10.09
C ASN A 156 24.29 24.73 8.74
N ALA A 157 23.27 23.85 8.74
CA ALA A 157 22.64 23.33 7.52
C ALA A 157 23.60 22.50 6.68
N GLU A 158 24.55 21.83 7.33
CA GLU A 158 25.28 20.76 6.68
C GLU A 158 24.49 19.46 6.79
N VAL A 159 24.69 18.59 5.81
CA VAL A 159 23.89 17.38 5.64
C VAL A 159 24.75 16.18 5.99
N LYS A 160 24.20 15.25 6.81
CA LYS A 160 24.91 14.06 7.29
C LYS A 160 23.97 12.86 7.20
N LEU A 161 24.45 11.76 6.60
CA LEU A 161 23.73 10.49 6.62
C LEU A 161 23.94 9.79 7.95
N VAL A 162 22.89 9.09 8.42
CA VAL A 162 22.99 8.23 9.60
C VAL A 162 22.32 6.90 9.31
N ASP A 163 22.38 6.00 10.30
CA ASP A 163 21.65 4.74 10.31
C ASP A 163 22.26 3.73 9.36
N PHE A 164 23.24 2.97 9.86
CA PHE A 164 23.92 1.98 9.05
C PHE A 164 23.59 0.56 9.50
N GLY A 165 22.48 0.38 10.21
CA GLY A 165 22.17 -0.92 10.78
C GLY A 165 21.99 -2.01 9.73
N VAL A 166 21.33 -1.70 8.61
CA VAL A 166 21.06 -2.71 7.57
C VAL A 166 21.89 -2.47 6.32
N SER A 167 22.99 -1.73 6.43
CA SER A 167 23.83 -1.50 5.28
C SER A 167 24.62 -2.77 4.96
N ALA A 168 25.15 -2.83 3.74
CA ALA A 168 25.80 -4.01 3.22
C ALA A 168 27.23 -3.67 2.82
N GLN A 169 28.17 -4.53 3.18
CA GLN A 169 29.56 -4.40 2.75
C GLN A 169 29.86 -5.46 1.70
N LEU A 170 30.08 -5.02 0.47
CA LEU A 170 30.38 -5.91 -0.65
C LEU A 170 31.89 -6.13 -0.75
N ASP A 171 32.28 -7.13 -1.55
CA ASP A 171 33.68 -7.44 -1.78
C ASP A 171 34.22 -6.92 -3.10
N ARG A 172 33.43 -6.94 -4.16
CA ARG A 172 33.88 -6.42 -5.45
C ARG A 172 33.02 -5.23 -5.89
N TPO A 173 33.49 -4.51 -6.90
CA TPO A 173 32.75 -3.39 -7.49
CB TPO A 173 33.61 -2.70 -8.58
CG2 TPO A 173 32.76 -1.98 -9.63
OG1 TPO A 173 34.46 -1.75 -7.93
P TPO A 173 36.00 -2.22 -8.02
O1P TPO A 173 36.85 -1.18 -7.13
O2P TPO A 173 36.49 -2.19 -9.42
O3P TPO A 173 36.20 -3.71 -7.42
C TPO A 173 31.42 -3.88 -8.09
O TPO A 173 30.36 -3.26 -7.90
N VAL A 174 31.50 -5.03 -8.75
CA VAL A 174 30.39 -5.68 -9.42
C VAL A 174 29.45 -6.41 -8.45
N GLY A 175 29.96 -6.80 -7.29
CA GLY A 175 29.23 -7.56 -6.29
C GLY A 175 27.78 -7.16 -6.09
N ARG A 176 26.94 -8.14 -5.81
CA ARG A 176 25.52 -7.91 -5.71
C ARG A 176 24.99 -8.45 -4.39
N ARG A 177 23.76 -8.06 -4.05
CA ARG A 177 23.08 -8.53 -2.85
C ARG A 177 21.64 -8.93 -3.20
N ASN A 178 21.03 -9.74 -2.33
CA ASN A 178 19.64 -10.17 -2.57
C ASN A 178 18.74 -10.25 -1.33
N TPO A 179 19.06 -9.48 -0.28
CA TPO A 179 18.31 -9.49 0.96
CB TPO A 179 19.21 -9.11 2.15
CG2 TPO A 179 18.39 -9.06 3.43
OG1 TPO A 179 20.14 -10.16 2.34
P TPO A 179 21.68 -9.68 2.39
O1P TPO A 179 21.85 -8.82 3.59
O2P TPO A 179 22.61 -10.97 2.55
O3P TPO A 179 22.04 -8.93 1.02
C TPO A 179 17.11 -8.52 0.86
O TPO A 179 17.29 -7.33 0.63
N PHE A 180 15.91 -9.05 1.04
CA PHE A 180 14.67 -8.30 1.07
C PHE A 180 14.57 -7.50 2.37
N ILE A 181 14.92 -6.21 2.35
CA ILE A 181 14.89 -5.39 3.57
CA ILE A 181 15.00 -5.39 3.56
C ILE A 181 14.75 -3.93 3.17
N GLY A 182 14.26 -3.12 4.12
CA GLY A 182 14.07 -1.71 3.88
C GLY A 182 12.69 -1.23 4.31
N THR A 183 12.40 0.03 3.99
CA THR A 183 11.08 0.59 4.21
C THR A 183 10.33 0.62 2.89
N PRO A 184 9.18 -0.06 2.77
CA PRO A 184 8.51 -0.23 1.47
C PRO A 184 8.47 1.00 0.56
N TYR A 185 8.00 2.14 1.07
CA TYR A 185 7.83 3.33 0.23
C TYR A 185 9.12 3.75 -0.46
N TRP A 186 10.27 3.50 0.17
CA TRP A 186 11.54 3.92 -0.41
C TRP A 186 12.25 2.80 -1.16
N MET A 187 11.69 1.60 -1.21
CA MET A 187 12.42 0.46 -1.75
C MET A 187 12.35 0.44 -3.27
N ALA A 188 13.48 0.15 -3.89
CA ALA A 188 13.57 0.04 -5.32
C ALA A 188 12.89 -1.23 -5.81
N PRO A 189 12.36 -1.22 -7.06
CA PRO A 189 11.69 -2.42 -7.56
C PRO A 189 12.55 -3.65 -7.51
N GLU A 190 13.85 -3.52 -7.80
CA GLU A 190 14.72 -4.71 -7.86
C GLU A 190 15.06 -5.22 -6.47
N VAL A 191 14.93 -4.39 -5.44
CA VAL A 191 14.97 -4.89 -4.07
C VAL A 191 13.69 -5.66 -3.74
N ILE A 192 12.55 -5.15 -4.19
CA ILE A 192 11.28 -5.78 -3.87
C ILE A 192 11.19 -7.14 -4.56
N ALA A 193 11.73 -7.25 -5.77
CA ALA A 193 11.76 -8.49 -6.54
C ALA A 193 12.39 -9.66 -5.79
N CYS A 194 13.27 -9.40 -4.82
CA CYS A 194 13.87 -10.50 -4.07
C CYS A 194 12.90 -11.19 -3.14
N ASP A 195 11.70 -10.66 -2.94
CA ASP A 195 10.69 -11.38 -2.16
C ASP A 195 10.35 -12.71 -2.84
N GLU A 196 9.90 -12.67 -4.10
CA GLU A 196 9.40 -13.85 -4.80
C GLU A 196 10.44 -14.51 -5.70
N ASN A 197 11.41 -13.75 -6.21
CA ASN A 197 12.37 -14.26 -7.17
C ASN A 197 13.67 -14.61 -6.45
N PRO A 198 13.99 -15.89 -6.28
CA PRO A 198 15.24 -16.24 -5.57
C PRO A 198 16.50 -15.95 -6.38
N ASP A 199 16.37 -15.68 -7.67
CA ASP A 199 17.52 -15.39 -8.51
C ASP A 199 17.76 -13.90 -8.73
N ALA A 200 16.85 -13.03 -8.27
CA ALA A 200 17.02 -11.59 -8.44
C ALA A 200 18.09 -11.04 -7.49
N THR A 201 18.75 -9.97 -7.94
CA THR A 201 19.81 -9.29 -7.19
C THR A 201 19.78 -7.80 -7.45
N TYR A 202 20.48 -7.04 -6.60
CA TYR A 202 20.60 -5.60 -6.78
C TYR A 202 22.00 -5.13 -6.33
N ASP A 203 22.29 -3.84 -6.57
CA ASP A 203 23.56 -3.25 -6.13
C ASP A 203 23.38 -1.80 -5.64
N PHE A 204 24.44 -0.99 -5.77
CA PHE A 204 24.39 0.40 -5.32
C PHE A 204 23.26 1.19 -5.95
N LYS A 205 22.85 0.83 -7.17
CA LYS A 205 21.84 1.63 -7.83
C LYS A 205 20.54 1.71 -7.04
N SER A 206 20.31 0.78 -6.10
CA SER A 206 19.08 0.84 -5.32
C SER A 206 19.06 2.05 -4.38
N ASP A 207 20.23 2.46 -3.88
CA ASP A 207 20.32 3.70 -3.12
C ASP A 207 19.89 4.91 -3.97
N LEU A 208 20.20 4.89 -5.27
CA LEU A 208 19.81 6.01 -6.13
C LEU A 208 18.30 6.11 -6.26
N TRP A 209 17.60 4.98 -6.39
CA TRP A 209 16.14 5.01 -6.37
C TRP A 209 15.62 5.62 -5.09
N SER A 210 16.14 5.14 -3.94
CA SER A 210 15.67 5.67 -2.67
C SER A 210 15.93 7.17 -2.58
N LEU A 211 17.04 7.64 -3.17
CA LEU A 211 17.30 9.07 -3.17
C LEU A 211 16.21 9.82 -3.93
N GLY A 212 15.78 9.26 -5.07
CA GLY A 212 14.68 9.86 -5.81
C GLY A 212 13.41 9.94 -5.01
N ILE A 213 13.05 8.86 -4.31
CA ILE A 213 11.87 8.91 -3.46
C ILE A 213 12.04 9.96 -2.38
N THR A 214 13.26 10.15 -1.90
CA THR A 214 13.51 11.14 -0.86
C THR A 214 13.35 12.56 -1.39
N ALA A 215 13.77 12.80 -2.64
CA ALA A 215 13.55 14.11 -3.22
C ALA A 215 12.05 14.41 -3.34
N ILE A 216 11.26 13.41 -3.78
CA ILE A 216 9.80 13.57 -3.84
C ILE A 216 9.24 13.85 -2.45
N GLU A 217 9.69 13.09 -1.44
CA GLU A 217 9.33 13.34 -0.05
C GLU A 217 9.59 14.80 0.35
N MET A 218 10.71 15.36 -0.09
CA MET A 218 11.01 16.77 0.21
C MET A 218 10.13 17.71 -0.61
N ALA A 219 9.76 17.29 -1.83
CA ALA A 219 8.96 18.14 -2.69
C ALA A 219 7.48 18.11 -2.32
N GLU A 220 6.97 16.96 -1.85
CA GLU A 220 5.54 16.81 -1.65
C GLU A 220 5.15 16.49 -0.21
N GLY A 221 6.13 16.37 0.71
CA GLY A 221 5.84 16.13 2.11
C GLY A 221 5.71 14.67 2.51
N ALA A 222 5.70 13.75 1.56
CA ALA A 222 5.59 12.31 1.81
C ALA A 222 6.05 11.59 0.56
N PRO A 223 6.49 10.36 0.66
CA PRO A 223 6.85 9.60 -0.54
C PRO A 223 5.60 9.23 -1.33
N PRO A 224 5.75 8.85 -2.60
CA PRO A 224 4.58 8.30 -3.32
C PRO A 224 4.00 7.12 -2.57
N LEU A 225 2.67 6.99 -2.64
CA LEU A 225 1.88 5.89 -2.13
C LEU A 225 1.68 5.95 -0.62
N CYS A 226 2.07 7.05 0.03
CA CYS A 226 1.91 6.98 1.48
CA CYS A 226 1.89 7.27 1.47
C CYS A 226 0.46 7.07 1.94
N ASP A 227 -0.50 7.24 1.05
CA ASP A 227 -1.91 7.18 1.40
C ASP A 227 -2.42 5.76 1.58
N MET A 228 -1.61 4.73 1.32
CA MET A 228 -2.04 3.34 1.48
C MET A 228 -1.05 2.62 2.39
N HIS A 229 -1.49 1.50 2.95
CA HIS A 229 -0.67 0.76 3.88
C HIS A 229 0.53 0.12 3.17
N PRO A 230 1.60 -0.23 3.93
CA PRO A 230 2.87 -0.60 3.28
C PRO A 230 2.82 -1.91 2.50
N MET A 231 2.02 -2.88 2.94
CA MET A 231 1.79 -4.09 2.15
C MET A 231 1.31 -3.75 0.74
N ARG A 232 0.26 -2.93 0.63
CA ARG A 232 -0.23 -2.52 -0.67
C ARG A 232 0.86 -1.86 -1.51
N ALA A 233 1.64 -0.98 -0.90
CA ALA A 233 2.65 -0.28 -1.67
C ALA A 233 3.74 -1.23 -2.18
N LEU A 234 4.11 -2.22 -1.37
CA LEU A 234 5.12 -3.21 -1.76
C LEU A 234 4.74 -3.92 -3.06
N PHE A 235 3.46 -4.21 -3.26
CA PHE A 235 3.03 -4.93 -4.45
C PHE A 235 2.65 -4.01 -5.61
N LEU A 236 2.53 -2.70 -5.41
CA LEU A 236 2.25 -1.80 -6.53
C LEU A 236 3.48 -1.08 -7.07
N ILE A 237 4.55 -0.93 -6.27
CA ILE A 237 5.78 -0.30 -6.77
C ILE A 237 6.34 -1.00 -8.01
N PRO A 238 6.37 -2.34 -8.11
CA PRO A 238 6.86 -2.95 -9.35
C PRO A 238 5.92 -2.81 -10.52
N ARG A 239 4.62 -2.68 -10.26
CA ARG A 239 3.62 -2.66 -11.33
C ARG A 239 3.31 -1.24 -11.80
N ASN A 240 3.24 -0.29 -10.87
CA ASN A 240 2.99 1.10 -11.21
C ASN A 240 4.13 1.67 -12.05
N PRO A 241 3.84 2.57 -13.01
CA PRO A 241 4.91 3.30 -13.67
C PRO A 241 5.69 4.14 -12.66
N ALA A 242 6.93 4.45 -13.01
CA ALA A 242 7.81 5.14 -12.07
C ALA A 242 7.16 6.44 -11.61
N PRO A 243 7.27 6.79 -10.33
CA PRO A 243 6.63 8.00 -9.83
C PRO A 243 7.18 9.25 -10.49
N ARG A 244 6.30 10.23 -10.69
CA ARG A 244 6.59 11.56 -11.17
C ARG A 244 6.21 12.59 -10.11
N LEU A 245 6.83 13.76 -10.18
CA LEU A 245 6.31 14.92 -9.46
C LEU A 245 4.94 15.29 -10.01
N LYS A 246 3.99 15.55 -9.14
CA LYS A 246 2.65 15.84 -9.63
C LYS A 246 2.51 17.29 -10.12
N SER A 247 3.17 18.24 -9.46
CA SER A 247 2.98 19.65 -9.80
C SER A 247 3.84 20.04 -11.00
N LYS A 248 3.23 20.72 -11.96
CA LYS A 248 3.95 21.23 -13.12
C LYS A 248 4.75 22.51 -12.82
N LYS A 249 4.78 22.95 -11.56
CA LYS A 249 5.46 24.20 -11.24
C LYS A 249 6.94 24.00 -10.98
N TRP A 250 7.36 22.81 -10.58
CA TRP A 250 8.77 22.50 -10.44
C TRP A 250 9.50 22.72 -11.77
N SER A 251 10.78 23.06 -11.68
CA SER A 251 11.57 23.35 -12.88
C SER A 251 11.69 22.12 -13.75
N LYS A 252 12.02 22.34 -15.02
CA LYS A 252 12.26 21.20 -15.90
C LYS A 252 13.48 20.40 -15.46
N LYS A 253 14.50 21.07 -14.90
CA LYS A 253 15.68 20.39 -14.36
C LYS A 253 15.29 19.36 -13.32
N PHE A 254 14.54 19.79 -12.30
CA PHE A 254 14.17 18.92 -11.21
C PHE A 254 13.32 17.76 -11.71
N GLN A 255 12.44 18.03 -12.67
CA GLN A 255 11.64 16.95 -13.24
C GLN A 255 12.51 15.93 -13.96
N SER A 256 13.51 16.41 -14.70
CA SER A 256 14.41 15.51 -15.41
C SER A 256 15.26 14.70 -14.43
N PHE A 257 15.64 15.30 -13.30
CA PHE A 257 16.43 14.59 -12.30
C PHE A 257 15.61 13.44 -11.70
N ILE A 258 14.39 13.74 -11.23
CA ILE A 258 13.52 12.69 -10.73
C ILE A 258 13.38 11.58 -11.76
N GLU A 259 13.25 11.94 -13.03
CA GLU A 259 13.19 10.94 -14.09
C GLU A 259 14.47 10.08 -14.15
N SER A 260 15.64 10.66 -13.86
CA SER A 260 16.89 9.88 -13.90
C SER A 260 17.01 8.95 -12.70
N CYS A 261 16.66 9.44 -11.50
CA CYS A 261 16.71 8.60 -10.31
C CYS A 261 15.79 7.40 -10.44
N LEU A 262 14.58 7.60 -10.94
CA LEU A 262 13.52 6.60 -10.84
C LEU A 262 13.32 5.85 -12.16
N VAL A 263 14.39 5.35 -12.75
CA VAL A 263 14.25 4.35 -13.82
C VAL A 263 13.98 3.00 -13.16
N LYS A 264 12.83 2.40 -13.48
CA LYS A 264 12.46 1.13 -12.84
C LYS A 264 13.44 0.02 -13.20
N ASN A 265 13.72 -0.14 -14.49
CA ASN A 265 14.69 -1.12 -14.96
C ASN A 265 16.10 -0.68 -14.54
N HIS A 266 16.61 -1.25 -13.44
CA HIS A 266 17.83 -0.73 -12.82
C HIS A 266 19.04 -0.78 -13.73
N SER A 267 19.05 -1.61 -14.77
CA SER A 267 20.22 -1.59 -15.65
C SER A 267 20.18 -0.45 -16.66
N GLN A 268 19.05 0.26 -16.75
CA GLN A 268 18.98 1.50 -17.50
C GLN A 268 19.05 2.72 -16.58
N ARG A 269 19.02 2.50 -15.26
CA ARG A 269 19.22 3.54 -14.28
C ARG A 269 20.69 3.97 -14.25
N PRO A 270 20.99 5.27 -14.29
CA PRO A 270 22.40 5.69 -14.26
C PRO A 270 23.06 5.33 -12.95
N ALA A 271 24.37 5.08 -13.02
CA ALA A 271 25.19 4.83 -11.84
C ALA A 271 25.35 6.12 -11.03
N THR A 272 25.89 5.97 -9.82
CA THR A 272 26.01 7.11 -8.92
C THR A 272 26.77 8.26 -9.59
N GLU A 273 27.76 7.93 -10.41
CA GLU A 273 28.67 8.92 -10.99
C GLU A 273 28.04 9.69 -12.14
N GLN A 274 27.29 9.02 -13.02
CA GLN A 274 26.58 9.73 -14.07
C GLN A 274 25.50 10.63 -13.47
N LEU A 275 24.80 10.13 -12.46
CA LEU A 275 23.76 10.91 -11.82
C LEU A 275 24.31 12.20 -11.22
N MET A 276 25.57 12.19 -10.80
CA MET A 276 26.12 13.37 -10.15
C MET A 276 26.36 14.50 -11.13
N LYS A 277 26.58 14.19 -12.41
CA LYS A 277 26.71 15.23 -13.43
C LYS A 277 25.37 15.75 -13.93
N HIS A 278 24.26 15.30 -13.35
CA HIS A 278 22.96 15.78 -13.80
C HIS A 278 22.82 17.27 -13.49
N PRO A 279 22.35 18.09 -14.44
CA PRO A 279 22.35 19.55 -14.25
C PRO A 279 21.60 20.02 -13.00
N PHE A 280 20.61 19.27 -12.55
CA PHE A 280 19.98 19.58 -11.27
C PHE A 280 21.00 19.51 -10.13
N ILE A 281 21.93 18.56 -10.19
CA ILE A 281 22.95 18.43 -9.17
C ILE A 281 24.16 19.30 -9.47
N ARG A 282 24.60 19.30 -10.73
CA ARG A 282 25.83 19.96 -11.12
C ARG A 282 25.68 21.47 -11.24
N ASP A 283 24.66 21.92 -11.99
CA ASP A 283 24.46 23.36 -12.24
C ASP A 283 23.69 23.95 -11.06
N GLN A 284 24.44 24.26 -10.02
CA GLN A 284 23.87 24.68 -8.76
C GLN A 284 24.62 25.91 -8.29
N PRO A 285 23.91 26.91 -7.76
CA PRO A 285 24.59 28.06 -7.15
C PRO A 285 25.48 27.62 -5.99
N ASN A 286 26.30 28.55 -5.53
CA ASN A 286 27.31 28.27 -4.51
C ASN A 286 26.73 27.47 -3.35
N GLU A 287 27.47 26.45 -2.92
CA GLU A 287 27.09 25.67 -1.74
C GLU A 287 26.85 26.60 -0.54
N ARG A 288 27.76 27.56 -0.33
CA ARG A 288 27.68 28.44 0.85
C ARG A 288 26.45 29.33 0.80
N GLN A 289 26.04 29.78 -0.39
CA GLN A 289 24.90 30.67 -0.49
C GLN A 289 23.60 29.95 -0.17
N VAL A 290 23.33 28.83 -0.85
CA VAL A 290 22.10 28.08 -0.57
C VAL A 290 22.08 27.64 0.88
N ARG A 291 23.22 27.17 1.39
CA ARG A 291 23.30 26.68 2.76
C ARG A 291 22.83 27.75 3.74
N ILE A 292 23.27 28.99 3.54
CA ILE A 292 22.91 30.06 4.47
C ILE A 292 21.41 30.30 4.48
N GLN A 293 20.78 30.35 3.30
CA GLN A 293 19.33 30.49 3.25
C GLN A 293 18.63 29.35 3.99
N LEU A 294 19.08 28.10 3.79
CA LEU A 294 18.47 26.98 4.49
C LEU A 294 18.70 27.08 6.00
N LYS A 295 19.93 27.40 6.40
CA LYS A 295 20.21 27.62 7.83
C LYS A 295 19.27 28.65 8.43
N ASP A 296 19.00 29.73 7.68
CA ASP A 296 18.11 30.78 8.16
C ASP A 296 16.70 30.26 8.33
N HIS A 297 16.19 29.47 7.37
CA HIS A 297 14.83 28.93 7.50
C HIS A 297 14.73 27.94 8.65
N ILE A 298 15.76 27.12 8.86
CA ILE A 298 15.75 26.19 9.99
C ILE A 298 15.62 26.97 11.30
N ASP A 299 16.34 28.08 11.43
CA ASP A 299 16.32 28.85 12.67
C ASP A 299 14.99 29.58 12.86
N ARG A 300 14.46 30.19 11.80
CA ARG A 300 13.16 30.86 11.90
C ARG A 300 12.11 29.90 12.45
N THR A 301 11.97 28.74 11.83
CA THR A 301 10.99 27.73 12.23
C THR A 301 11.39 26.96 13.52
N LYS A 302 12.36 27.43 14.27
CA LYS A 302 12.71 26.81 15.55
C LYS A 302 12.24 27.69 16.69
N GLU B 4 -1.74 -10.25 -20.14
CA GLU B 4 -1.89 -11.70 -20.18
C GLU B 4 -1.03 -12.37 -19.10
N ILE B 5 -1.56 -13.41 -18.48
CA ILE B 5 -0.83 -14.20 -17.50
C ILE B 5 -0.64 -15.59 -18.07
N ASP B 6 0.52 -16.18 -17.80
CA ASP B 6 0.87 -17.52 -18.27
C ASP B 6 0.82 -18.46 -17.06
N LEU B 7 -0.20 -19.32 -17.02
CA LEU B 7 -0.38 -20.20 -15.87
C LEU B 7 0.67 -21.30 -15.81
N SER B 8 1.48 -21.44 -16.86
CA SER B 8 2.57 -22.39 -16.87
C SER B 8 3.85 -21.86 -16.22
N ALA B 9 3.87 -20.60 -15.83
CA ALA B 9 5.09 -19.94 -15.39
C ALA B 9 5.02 -19.44 -13.95
N LEU B 10 4.02 -19.84 -13.18
CA LEU B 10 3.94 -19.41 -11.80
C LEU B 10 4.81 -20.30 -10.92
N ARG B 11 5.27 -19.75 -9.81
CA ARG B 11 6.11 -20.52 -8.90
C ARG B 11 5.34 -20.94 -7.66
N ASP B 12 5.94 -21.89 -6.96
CA ASP B 12 5.44 -22.36 -5.69
C ASP B 12 5.48 -21.24 -4.64
N PRO B 13 4.50 -21.13 -3.77
CA PRO B 13 4.50 -20.03 -2.77
C PRO B 13 5.34 -20.30 -1.54
N ALA B 14 6.04 -21.44 -1.47
CA ALA B 14 6.83 -21.78 -0.28
C ALA B 14 7.79 -20.66 0.08
N GLY B 15 7.76 -20.23 1.35
CA GLY B 15 8.63 -19.18 1.80
C GLY B 15 8.21 -17.78 1.40
N ILE B 16 7.11 -17.65 0.64
CA ILE B 16 6.57 -16.36 0.22
C ILE B 16 5.25 -16.07 0.92
N PHE B 17 4.31 -17.02 0.87
CA PHE B 17 3.01 -16.90 1.54
C PHE B 17 2.63 -18.22 2.21
N GLU B 18 1.79 -18.13 3.23
CA GLU B 18 1.46 -19.27 4.07
C GLU B 18 -0.02 -19.27 4.40
N LEU B 19 -0.65 -20.43 4.38
CA LEU B 19 -2.04 -20.56 4.82
C LEU B 19 -2.11 -20.53 6.33
N VAL B 20 -3.09 -19.81 6.87
CA VAL B 20 -3.30 -19.70 8.31
C VAL B 20 -4.60 -20.40 8.75
N GLU B 21 -5.74 -19.98 8.20
CA GLU B 21 -7.00 -20.61 8.55
C GLU B 21 -8.03 -20.34 7.46
N LEU B 22 -8.98 -21.27 7.32
CA LEU B 22 -10.10 -21.06 6.43
C LEU B 22 -10.96 -19.90 6.92
N VAL B 23 -11.31 -18.98 6.02
CA VAL B 23 -12.31 -17.96 6.31
C VAL B 23 -13.52 -18.08 5.40
N GLY B 24 -13.59 -19.12 4.57
CA GLY B 24 -14.78 -19.29 3.76
C GLY B 24 -14.64 -20.15 2.51
N ASN B 25 -15.74 -20.80 2.16
CA ASN B 25 -15.86 -21.46 0.87
C ASN B 25 -16.22 -20.43 -0.19
N GLY B 26 -15.53 -20.48 -1.33
CA GLY B 26 -15.77 -19.58 -2.43
C GLY B 26 -16.51 -20.26 -3.57
N THR B 27 -16.92 -19.44 -4.53
CA THR B 27 -17.46 -19.98 -5.77
C THR B 27 -16.30 -20.59 -6.54
N TYR B 28 -16.23 -21.92 -6.56
CA TYR B 28 -15.17 -22.69 -7.21
C TYR B 28 -13.80 -22.37 -6.59
N GLY B 29 -13.62 -22.83 -5.36
CA GLY B 29 -12.39 -22.69 -4.63
C GLY B 29 -12.67 -22.60 -3.14
N GLN B 30 -11.65 -22.15 -2.39
CA GLN B 30 -11.77 -21.86 -0.97
C GLN B 30 -10.89 -20.66 -0.63
N VAL B 31 -11.37 -19.80 0.26
CA VAL B 31 -10.65 -18.59 0.64
C VAL B 31 -10.09 -18.78 2.04
N TYR B 32 -8.80 -18.47 2.20
CA TYR B 32 -8.09 -18.59 3.46
C TYR B 32 -7.57 -17.24 3.90
N LYS B 33 -7.59 -17.00 5.20
CA LYS B 33 -6.65 -16.05 5.78
C LYS B 33 -5.24 -16.61 5.60
N GLY B 34 -4.38 -15.84 4.94
CA GLY B 34 -3.01 -16.21 4.68
C GLY B 34 -2.05 -15.21 5.30
N ARG B 35 -0.76 -15.47 5.09
CA ARG B 35 0.27 -14.69 5.77
C ARG B 35 1.54 -14.61 4.93
N HIS B 36 2.08 -13.39 4.84
CA HIS B 36 3.29 -13.09 4.09
C HIS B 36 4.51 -13.41 4.95
N VAL B 37 5.31 -14.40 4.56
CA VAL B 37 6.26 -14.94 5.53
C VAL B 37 7.39 -13.96 5.81
N LYS B 38 7.81 -13.16 4.82
CA LYS B 38 8.94 -12.28 5.09
C LYS B 38 8.59 -11.06 5.91
N THR B 39 7.31 -10.68 5.99
CA THR B 39 6.91 -9.57 6.86
C THR B 39 5.95 -9.95 7.97
N GLY B 40 5.27 -11.09 7.86
CA GLY B 40 4.29 -11.48 8.86
C GLY B 40 2.93 -10.88 8.66
N GLN B 41 2.69 -10.22 7.54
CA GLN B 41 1.44 -9.49 7.30
C GLN B 41 0.40 -10.41 6.65
N LEU B 42 -0.87 -10.10 6.92
CA LEU B 42 -1.95 -10.94 6.46
C LEU B 42 -2.22 -10.70 4.98
N ALA B 43 -2.89 -11.68 4.38
CA ALA B 43 -3.37 -11.60 3.01
C ALA B 43 -4.56 -12.54 2.89
N ALA B 44 -5.37 -12.33 1.87
CA ALA B 44 -6.42 -13.28 1.53
C ALA B 44 -5.90 -14.17 0.40
N ILE B 45 -6.07 -15.49 0.55
CA ILE B 45 -5.53 -16.44 -0.42
C ILE B 45 -6.68 -17.32 -0.90
N LYS B 46 -6.92 -17.27 -2.22
CA LYS B 46 -7.95 -18.05 -2.89
C LYS B 46 -7.28 -19.30 -3.44
N VAL B 47 -7.66 -20.46 -2.93
CA VAL B 47 -7.01 -21.73 -3.27
C VAL B 47 -7.95 -22.51 -4.18
N MET B 48 -7.43 -22.92 -5.34
CA MET B 48 -8.27 -23.61 -6.32
C MET B 48 -7.46 -24.68 -7.04
N ASP B 49 -8.12 -25.79 -7.34
CA ASP B 49 -7.49 -26.82 -8.16
C ASP B 49 -7.27 -26.30 -9.57
N VAL B 50 -6.09 -26.62 -10.14
CA VAL B 50 -5.80 -26.22 -11.51
C VAL B 50 -6.62 -27.08 -12.46
N THR B 51 -7.20 -26.45 -13.48
CA THR B 51 -8.00 -27.16 -14.48
C THR B 51 -8.21 -26.28 -15.70
N GLY B 52 -8.03 -26.87 -16.87
CA GLY B 52 -8.33 -26.16 -18.10
C GLY B 52 -9.79 -25.76 -18.23
N ASP B 53 -10.68 -26.44 -17.51
CA ASP B 53 -12.10 -26.09 -17.50
C ASP B 53 -12.40 -24.78 -16.78
N GLU B 54 -11.45 -24.24 -16.01
CA GLU B 54 -11.62 -22.99 -15.29
C GLU B 54 -10.63 -21.95 -15.75
N GLU B 55 -9.87 -22.25 -16.81
CA GLU B 55 -8.71 -21.45 -17.17
C GLU B 55 -9.11 -20.04 -17.56
N GLU B 56 -10.11 -19.91 -18.42
CA GLU B 56 -10.44 -18.60 -18.96
C GLU B 56 -11.03 -17.69 -17.89
N GLU B 57 -11.80 -18.25 -16.96
CA GLU B 57 -12.29 -17.53 -15.79
C GLU B 57 -11.15 -17.11 -14.87
N ILE B 58 -10.12 -17.94 -14.76
CA ILE B 58 -8.96 -17.57 -13.96
C ILE B 58 -8.17 -16.47 -14.64
N LYS B 59 -7.83 -16.66 -15.92
CA LYS B 59 -7.03 -15.67 -16.62
C LYS B 59 -7.70 -14.31 -16.64
N GLN B 60 -9.02 -14.26 -16.86
CA GLN B 60 -9.71 -12.97 -16.94
C GLN B 60 -9.75 -12.28 -15.58
N GLU B 61 -10.03 -13.02 -14.53
CA GLU B 61 -9.92 -12.47 -13.19
C GLU B 61 -8.52 -11.89 -12.94
N ILE B 62 -7.46 -12.70 -13.12
CA ILE B 62 -6.11 -12.21 -12.85
C ILE B 62 -5.77 -11.00 -13.71
N ASN B 63 -6.11 -11.04 -15.00
CA ASN B 63 -5.81 -9.91 -15.89
C ASN B 63 -6.51 -8.62 -15.43
N MET B 64 -7.75 -8.73 -14.94
CA MET B 64 -8.43 -7.55 -14.45
C MET B 64 -7.83 -7.02 -13.16
N LEU B 65 -7.46 -7.90 -12.22
CA LEU B 65 -6.83 -7.43 -10.98
C LEU B 65 -5.48 -6.77 -11.26
N LYS B 66 -4.67 -7.37 -12.12
CA LYS B 66 -3.37 -6.81 -12.47
C LYS B 66 -3.50 -5.40 -13.01
N LYS B 67 -4.45 -5.21 -13.92
CA LYS B 67 -4.61 -3.92 -14.58
C LYS B 67 -5.17 -2.85 -13.64
N TYR B 68 -6.10 -3.22 -12.76
CA TYR B 68 -6.98 -2.24 -12.17
C TYR B 68 -6.99 -2.16 -10.65
N SER B 69 -6.38 -3.11 -9.94
CA SER B 69 -6.54 -3.14 -8.49
C SER B 69 -5.62 -2.17 -7.74
N HIS B 70 -4.91 -1.29 -8.46
CA HIS B 70 -4.25 -0.16 -7.80
C HIS B 70 -5.25 0.82 -7.20
N HIS B 71 -6.50 0.85 -7.66
CA HIS B 71 -7.42 1.85 -7.15
C HIS B 71 -7.84 1.51 -5.73
N ARG B 72 -8.00 2.55 -4.89
CA ARG B 72 -8.22 2.35 -3.46
C ARG B 72 -9.56 1.67 -3.13
N ASN B 73 -10.48 1.54 -4.06
CA ASN B 73 -11.75 0.87 -3.76
C ASN B 73 -11.82 -0.54 -4.34
N ILE B 74 -10.67 -1.10 -4.72
CA ILE B 74 -10.60 -2.46 -5.25
C ILE B 74 -9.54 -3.20 -4.46
N ALA B 75 -9.89 -4.38 -3.94
CA ALA B 75 -8.95 -5.16 -3.16
C ALA B 75 -7.73 -5.43 -4.02
N THR B 76 -6.54 -5.11 -3.48
CA THR B 76 -5.34 -5.09 -4.30
C THR B 76 -4.81 -6.50 -4.52
N TYR B 77 -4.45 -6.78 -5.77
CA TYR B 77 -3.89 -8.07 -6.18
C TYR B 77 -2.42 -8.12 -5.80
N TYR B 78 -2.06 -9.13 -5.01
CA TYR B 78 -0.66 -9.32 -4.65
C TYR B 78 0.06 -10.22 -5.67
N GLY B 79 -0.49 -11.39 -5.99
CA GLY B 79 0.14 -12.25 -6.97
C GLY B 79 -0.51 -13.62 -7.01
N ALA B 80 -0.04 -14.43 -7.98
CA ALA B 80 -0.55 -15.77 -8.21
C ALA B 80 0.56 -16.82 -8.13
N PHE B 81 0.23 -17.99 -7.57
CA PHE B 81 1.21 -19.04 -7.30
C PHE B 81 0.58 -20.40 -7.57
N ILE B 82 1.42 -21.39 -7.85
CA ILE B 82 0.95 -22.76 -7.97
C ILE B 82 1.69 -23.62 -6.96
N LYS B 83 0.93 -24.24 -6.06
CA LYS B 83 1.44 -25.22 -5.12
C LYS B 83 1.47 -26.57 -5.81
N LYS B 84 2.66 -27.05 -6.17
CA LYS B 84 2.77 -28.32 -6.87
C LYS B 84 2.62 -29.47 -5.88
N ASN B 85 1.79 -30.45 -6.22
CA ASN B 85 1.50 -31.59 -5.36
C ASN B 85 1.92 -32.88 -6.04
N PRO B 86 2.22 -33.92 -5.27
CA PRO B 86 2.65 -35.22 -5.84
C PRO B 86 1.65 -35.79 -6.84
N PRO B 87 2.11 -36.68 -7.73
CA PRO B 87 1.23 -37.29 -8.74
C PRO B 87 -0.11 -37.85 -8.25
N GLY B 88 -0.25 -38.12 -6.94
CA GLY B 88 -1.56 -38.49 -6.46
C GLY B 88 -2.61 -37.41 -6.30
N MET B 89 -2.28 -36.16 -6.64
CA MET B 89 -3.02 -35.01 -6.18
C MET B 89 -2.88 -33.89 -7.20
N ASP B 90 -3.94 -33.08 -7.36
CA ASP B 90 -3.85 -31.98 -8.31
C ASP B 90 -3.07 -30.80 -7.74
N ASP B 91 -2.38 -30.09 -8.61
CA ASP B 91 -1.75 -28.85 -8.15
C ASP B 91 -2.82 -27.81 -7.86
N GLN B 92 -2.46 -26.86 -7.03
CA GLN B 92 -3.37 -25.85 -6.51
C GLN B 92 -2.85 -24.46 -6.85
N LEU B 93 -3.69 -23.67 -7.50
CA LEU B 93 -3.41 -22.28 -7.78
C LEU B 93 -3.82 -21.44 -6.58
N TRP B 94 -2.91 -20.59 -6.11
CA TRP B 94 -3.20 -19.61 -5.08
C TRP B 94 -3.31 -18.25 -5.72
N LEU B 95 -4.42 -17.60 -5.46
CA LEU B 95 -4.65 -16.23 -5.85
C LEU B 95 -4.60 -15.40 -4.57
N VAL B 96 -3.56 -14.56 -4.45
CA VAL B 96 -3.23 -13.85 -3.22
C VAL B 96 -3.59 -12.38 -3.38
N MET B 97 -4.39 -11.84 -2.46
CA MET B 97 -4.67 -10.43 -2.47
C MET B 97 -4.77 -9.86 -1.06
N GLU B 98 -4.94 -8.55 -1.02
CA GLU B 98 -5.08 -7.78 0.22
C GLU B 98 -6.16 -8.36 1.13
N PHE B 99 -5.83 -8.49 2.40
CA PHE B 99 -6.75 -9.04 3.38
C PHE B 99 -7.73 -7.99 3.87
N CYS B 100 -9.03 -8.25 3.72
CA CYS B 100 -10.11 -7.36 4.16
C CYS B 100 -10.75 -7.98 5.41
N GLY B 101 -10.21 -7.63 6.57
CA GLY B 101 -10.47 -8.30 7.82
C GLY B 101 -11.83 -8.11 8.45
N ALA B 102 -12.68 -7.25 7.93
CA ALA B 102 -13.97 -7.04 8.57
C ALA B 102 -15.10 -7.83 7.91
N GLY B 103 -14.87 -8.40 6.74
CA GLY B 103 -15.87 -9.22 6.07
C GLY B 103 -16.60 -8.45 4.99
N SER B 104 -17.65 -9.09 4.48
CA SER B 104 -18.47 -8.50 3.45
C SER B 104 -19.59 -7.63 4.05
N VAL B 105 -20.08 -6.71 3.24
CA VAL B 105 -21.26 -5.92 3.63
C VAL B 105 -22.43 -6.84 3.99
N THR B 106 -22.64 -7.91 3.22
CA THR B 106 -23.64 -8.94 3.53
C THR B 106 -23.49 -9.48 4.95
N ASP B 107 -22.27 -9.89 5.33
CA ASP B 107 -22.04 -10.33 6.70
C ASP B 107 -22.35 -9.23 7.72
N LEU B 108 -22.02 -7.97 7.38
CA LEU B 108 -22.28 -6.88 8.31
C LEU B 108 -23.77 -6.67 8.51
N ILE B 109 -24.54 -6.78 7.42
CA ILE B 109 -25.99 -6.71 7.54
C ILE B 109 -26.49 -7.85 8.41
N LYS B 110 -25.99 -9.06 8.15
CA LYS B 110 -26.40 -10.22 8.92
C LYS B 110 -26.18 -10.00 10.42
N ASN B 111 -25.13 -9.29 10.79
CA ASN B 111 -24.73 -9.20 12.18
C ASN B 111 -25.19 -7.94 12.87
N THR B 112 -25.90 -7.07 12.18
CA THR B 112 -26.47 -5.88 12.78
C THR B 112 -27.90 -6.15 13.23
N LYS B 113 -28.25 -5.63 14.43
CA LYS B 113 -29.61 -5.75 14.95
C LYS B 113 -30.65 -5.30 13.94
N GLY B 114 -31.64 -6.16 13.69
CA GLY B 114 -32.69 -5.87 12.75
C GLY B 114 -32.27 -6.01 11.30
N ASN B 115 -31.01 -6.39 11.06
CA ASN B 115 -30.49 -6.59 9.71
C ASN B 115 -30.70 -5.35 8.84
N THR B 116 -30.32 -4.19 9.38
CA THR B 116 -30.57 -2.89 8.74
C THR B 116 -29.47 -1.92 9.15
N LEU B 117 -28.80 -1.31 8.16
CA LEU B 117 -27.70 -0.39 8.44
C LEU B 117 -28.21 1.03 8.57
N LYS B 118 -27.51 1.83 9.39
CA LYS B 118 -27.84 3.24 9.49
C LYS B 118 -27.67 3.94 8.15
N GLU B 119 -28.60 4.85 7.84
CA GLU B 119 -28.60 5.51 6.53
C GLU B 119 -27.24 6.14 6.20
N GLU B 120 -26.60 6.84 7.15
CA GLU B 120 -25.31 7.44 6.84
C GLU B 120 -24.24 6.40 6.49
N TRP B 121 -24.34 5.17 7.04
CA TRP B 121 -23.42 4.10 6.64
C TRP B 121 -23.68 3.66 5.20
N ILE B 122 -24.95 3.61 4.79
CA ILE B 122 -25.29 3.22 3.42
C ILE B 122 -24.77 4.25 2.42
N ALA B 123 -24.97 5.54 2.70
CA ALA B 123 -24.42 6.58 1.82
C ALA B 123 -22.90 6.47 1.72
N TYR B 124 -22.22 6.26 2.84
CA TYR B 124 -20.78 6.15 2.80
C TYR B 124 -20.36 4.96 1.95
N ILE B 125 -20.99 3.81 2.16
CA ILE B 125 -20.62 2.60 1.41
C ILE B 125 -20.97 2.75 -0.07
N CYS B 126 -22.15 3.28 -0.37
CA CYS B 126 -22.53 3.48 -1.77
C CYS B 126 -21.57 4.42 -2.49
N ARG B 127 -21.10 5.46 -1.80
CA ARG B 127 -20.16 6.38 -2.45
C ARG B 127 -18.87 5.66 -2.81
N GLU B 128 -18.38 4.78 -1.93
CA GLU B 128 -17.13 4.07 -2.18
C GLU B 128 -17.28 3.07 -3.33
N ILE B 129 -18.39 2.30 -3.36
CA ILE B 129 -18.64 1.40 -4.48
C ILE B 129 -18.67 2.19 -5.77
N LEU B 130 -19.39 3.32 -5.76
CA LEU B 130 -19.48 4.16 -6.95
C LEU B 130 -18.12 4.63 -7.43
N ARG B 131 -17.22 5.00 -6.50
CA ARG B 131 -15.88 5.38 -6.89
C ARG B 131 -15.17 4.21 -7.59
N GLY B 132 -15.29 3.00 -7.04
CA GLY B 132 -14.67 1.86 -7.70
C GLY B 132 -15.21 1.64 -9.10
N LEU B 133 -16.55 1.71 -9.23
CA LEU B 133 -17.20 1.48 -10.52
C LEU B 133 -16.79 2.53 -11.54
N SER B 134 -16.77 3.79 -11.13
CA SER B 134 -16.38 4.86 -12.04
C SER B 134 -14.94 4.68 -12.54
N HIS B 135 -14.04 4.20 -11.67
CA HIS B 135 -12.71 3.82 -12.15
C HIS B 135 -12.82 2.67 -13.16
N LEU B 136 -13.60 1.64 -12.82
CA LEU B 136 -13.77 0.50 -13.72
C LEU B 136 -14.38 0.93 -15.04
N HIS B 137 -15.43 1.76 -14.97
CA HIS B 137 -16.15 2.14 -16.19
C HIS B 137 -15.29 3.05 -17.07
N GLN B 138 -14.51 3.95 -16.45
CA GLN B 138 -13.57 4.77 -17.19
C GLN B 138 -12.58 3.92 -17.99
N HIS B 139 -12.30 2.71 -17.54
CA HIS B 139 -11.38 1.83 -18.26
C HIS B 139 -12.11 0.78 -19.09
N LYS B 140 -13.43 0.95 -19.29
CA LYS B 140 -14.24 0.10 -20.16
C LYS B 140 -14.38 -1.32 -19.59
N VAL B 141 -14.65 -1.41 -18.29
CA VAL B 141 -14.90 -2.68 -17.61
C VAL B 141 -16.28 -2.62 -17.00
N ILE B 142 -17.09 -3.63 -17.27
CA ILE B 142 -18.34 -3.89 -16.58
C ILE B 142 -18.08 -4.99 -15.57
N HIS B 143 -18.34 -4.71 -14.30
CA HIS B 143 -18.16 -5.74 -13.27
C HIS B 143 -19.11 -6.91 -13.46
N ARG B 144 -20.42 -6.63 -13.46
CA ARG B 144 -21.54 -7.53 -13.73
C ARG B 144 -21.87 -8.47 -12.56
N ASP B 145 -21.20 -8.38 -11.40
CA ASP B 145 -21.69 -9.13 -10.24
C ASP B 145 -21.61 -8.28 -8.98
N ILE B 146 -22.01 -7.02 -9.07
CA ILE B 146 -22.09 -6.14 -7.91
C ILE B 146 -23.23 -6.60 -7.01
N LYS B 147 -22.90 -6.94 -5.77
CA LYS B 147 -23.86 -7.33 -4.74
C LYS B 147 -23.15 -7.25 -3.40
N GLY B 148 -23.91 -7.36 -2.31
CA GLY B 148 -23.33 -7.20 -0.99
C GLY B 148 -22.21 -8.19 -0.71
N GLN B 149 -22.25 -9.36 -1.34
CA GLN B 149 -21.27 -10.41 -1.09
C GLN B 149 -19.90 -10.03 -1.62
N ASN B 150 -19.87 -9.18 -2.66
CA ASN B 150 -18.64 -8.82 -3.33
C ASN B 150 -18.15 -7.43 -2.96
N VAL B 151 -18.67 -6.87 -1.87
CA VAL B 151 -18.19 -5.61 -1.32
C VAL B 151 -17.63 -5.93 0.07
N LEU B 152 -16.33 -5.74 0.23
CA LEU B 152 -15.64 -6.13 1.46
C LEU B 152 -15.22 -4.90 2.25
N LEU B 153 -14.99 -5.09 3.55
CA LEU B 153 -14.61 -4.05 4.48
C LEU B 153 -13.28 -4.40 5.12
N THR B 154 -12.34 -3.45 5.14
CA THR B 154 -11.11 -3.65 5.89
C THR B 154 -11.37 -3.41 7.38
N GLU B 155 -10.35 -3.72 8.19
CA GLU B 155 -10.41 -3.45 9.62
C GLU B 155 -10.63 -1.98 9.92
N ASN B 156 -10.31 -1.08 8.99
CA ASN B 156 -10.52 0.36 9.15
C ASN B 156 -11.81 0.83 8.53
N ALA B 157 -12.65 -0.09 8.05
CA ALA B 157 -13.93 0.22 7.40
C ALA B 157 -13.74 0.93 6.05
N GLU B 158 -12.60 0.73 5.39
CA GLU B 158 -12.49 1.04 3.97
C GLU B 158 -13.26 -0.02 3.15
N VAL B 159 -13.68 0.38 1.95
CA VAL B 159 -14.64 -0.38 1.13
C VAL B 159 -13.95 -0.84 -0.15
N LYS B 160 -14.08 -2.13 -0.48
CA LYS B 160 -13.29 -2.76 -1.54
C LYS B 160 -14.15 -3.73 -2.36
N LEU B 161 -14.14 -3.55 -3.68
CA LEU B 161 -14.74 -4.49 -4.62
C LEU B 161 -13.85 -5.70 -4.84
N VAL B 162 -14.47 -6.88 -4.90
CA VAL B 162 -13.79 -8.14 -5.22
C VAL B 162 -14.59 -8.88 -6.29
N ASP B 163 -14.04 -10.02 -6.73
CA ASP B 163 -14.68 -11.00 -7.61
C ASP B 163 -14.85 -10.48 -9.04
N PHE B 164 -13.81 -10.60 -9.86
CA PHE B 164 -13.85 -10.16 -11.25
C PHE B 164 -14.05 -11.32 -12.23
N GLY B 165 -14.59 -12.45 -11.75
CA GLY B 165 -14.69 -13.64 -12.59
C GLY B 165 -15.67 -13.54 -13.74
N VAL B 166 -16.74 -12.75 -13.58
CA VAL B 166 -17.76 -12.63 -14.63
C VAL B 166 -17.71 -11.25 -15.29
N SER B 167 -16.61 -10.52 -15.11
CA SER B 167 -16.48 -9.17 -15.63
C SER B 167 -16.14 -9.18 -17.11
N ALA B 168 -16.44 -8.06 -17.76
CA ALA B 168 -16.22 -7.88 -19.19
C ALA B 168 -15.23 -6.75 -19.41
N GLN B 169 -14.35 -6.92 -20.40
CA GLN B 169 -13.45 -5.85 -20.80
C GLN B 169 -13.79 -5.46 -22.23
N LEU B 170 -14.09 -4.19 -22.44
CA LEU B 170 -14.49 -3.70 -23.75
C LEU B 170 -13.33 -2.98 -24.43
N ASP B 171 -13.53 -2.63 -25.69
CA ASP B 171 -12.53 -1.93 -26.50
C ASP B 171 -13.03 -0.58 -26.97
N ARG B 172 -14.14 -0.53 -27.71
CA ARG B 172 -14.77 0.74 -28.04
C ARG B 172 -15.32 1.34 -26.74
N TPO B 173 -15.36 2.67 -26.68
CA TPO B 173 -15.87 3.38 -25.50
CB TPO B 173 -15.40 4.88 -25.54
CG2 TPO B 173 -16.15 5.78 -24.55
OG1 TPO B 173 -14.00 4.98 -25.24
P TPO B 173 -13.16 5.44 -26.56
O1P TPO B 173 -13.90 6.52 -27.27
O2P TPO B 173 -11.72 6.00 -26.09
O3P TPO B 173 -12.93 4.22 -27.57
C TPO B 173 -17.40 3.24 -25.48
O TPO B 173 -18.06 3.42 -24.44
N VAL B 174 -17.94 2.87 -26.63
CA VAL B 174 -19.38 2.74 -26.85
C VAL B 174 -19.81 1.28 -27.06
N GLY B 175 -18.87 0.35 -26.86
CA GLY B 175 -19.15 -1.05 -27.07
C GLY B 175 -20.20 -1.58 -26.12
N ARG B 176 -20.84 -2.67 -26.53
CA ARG B 176 -21.89 -3.27 -25.72
C ARG B 176 -21.62 -4.76 -25.58
N ARG B 177 -22.30 -5.37 -24.61
CA ARG B 177 -22.27 -6.81 -24.38
C ARG B 177 -23.68 -7.37 -24.41
N ASN B 178 -23.81 -8.69 -24.57
CA ASN B 178 -25.13 -9.34 -24.54
C ASN B 178 -25.16 -10.66 -23.79
N TPO B 179 -24.11 -10.94 -23.03
CA TPO B 179 -24.03 -12.19 -22.29
CB TPO B 179 -22.60 -12.45 -21.85
CG2 TPO B 179 -22.59 -13.69 -20.97
OG1 TPO B 179 -21.85 -12.75 -23.03
P TPO B 179 -20.60 -11.74 -23.28
O1P TPO B 179 -21.09 -10.25 -23.58
O2P TPO B 179 -19.86 -12.27 -24.61
O3P TPO B 179 -19.70 -11.72 -22.10
C TPO B 179 -24.98 -12.19 -21.11
O TPO B 179 -24.97 -11.27 -20.28
N PHE B 180 -25.81 -13.22 -21.06
CA PHE B 180 -26.70 -13.49 -19.94
C PHE B 180 -25.88 -14.00 -18.75
N ILE B 181 -25.62 -13.14 -17.77
CA ILE B 181 -24.64 -13.46 -16.72
C ILE B 181 -24.91 -12.59 -15.50
N GLY B 182 -24.57 -13.13 -14.32
CA GLY B 182 -24.71 -12.41 -13.07
C GLY B 182 -25.52 -13.19 -12.06
N THR B 183 -25.91 -12.52 -10.98
CA THR B 183 -26.76 -13.12 -9.96
C THR B 183 -28.18 -12.58 -10.10
N PRO B 184 -29.21 -13.45 -10.29
CA PRO B 184 -30.55 -12.98 -10.67
C PRO B 184 -31.11 -11.76 -9.95
N TYR B 185 -31.17 -11.78 -8.61
CA TYR B 185 -31.86 -10.72 -7.86
C TYR B 185 -31.23 -9.34 -8.09
N TRP B 186 -29.94 -9.30 -8.45
CA TRP B 186 -29.20 -8.07 -8.70
C TRP B 186 -29.07 -7.75 -10.19
N MET B 187 -29.54 -8.61 -11.08
CA MET B 187 -29.30 -8.41 -12.50
C MET B 187 -30.21 -7.32 -13.04
N ALA B 188 -29.67 -6.51 -13.94
CA ALA B 188 -30.42 -5.43 -14.53
C ALA B 188 -31.41 -5.99 -15.55
N PRO B 189 -32.59 -5.37 -15.66
CA PRO B 189 -33.57 -5.84 -16.65
C PRO B 189 -33.01 -5.92 -18.07
N GLU B 190 -32.10 -5.01 -18.44
CA GLU B 190 -31.52 -5.04 -19.78
C GLU B 190 -30.53 -6.18 -19.94
N VAL B 191 -30.01 -6.73 -18.84
CA VAL B 191 -29.23 -7.97 -18.91
C VAL B 191 -30.16 -9.18 -19.03
N ILE B 192 -31.19 -9.23 -18.18
CA ILE B 192 -32.17 -10.31 -18.27
C ILE B 192 -32.81 -10.37 -19.64
N ALA B 193 -33.02 -9.21 -20.28
CA ALA B 193 -33.63 -9.19 -21.60
C ALA B 193 -32.78 -9.92 -22.65
N CYS B 194 -31.49 -10.14 -22.38
CA CYS B 194 -30.64 -10.82 -23.34
C CYS B 194 -30.96 -12.30 -23.46
N ASP B 195 -31.64 -12.87 -22.47
CA ASP B 195 -32.10 -14.25 -22.58
C ASP B 195 -33.21 -14.37 -23.63
N GLU B 196 -34.21 -13.49 -23.58
CA GLU B 196 -35.34 -13.58 -24.49
C GLU B 196 -35.02 -13.07 -25.88
N ASN B 197 -34.28 -11.96 -25.96
CA ASN B 197 -34.08 -11.21 -27.18
C ASN B 197 -32.65 -11.37 -27.67
N PRO B 198 -32.42 -12.10 -28.76
CA PRO B 198 -31.04 -12.21 -29.28
C PRO B 198 -30.45 -10.87 -29.73
N ASP B 199 -31.27 -9.83 -29.86
CA ASP B 199 -30.84 -8.50 -30.32
C ASP B 199 -30.44 -7.57 -29.18
N ALA B 200 -30.78 -7.91 -27.94
CA ALA B 200 -30.59 -7.01 -26.82
C ALA B 200 -29.10 -6.86 -26.49
N THR B 201 -28.74 -5.66 -26.06
CA THR B 201 -27.38 -5.36 -25.61
C THR B 201 -27.46 -4.49 -24.36
N TYR B 202 -26.34 -4.45 -23.63
CA TYR B 202 -26.24 -3.58 -22.46
C TYR B 202 -24.79 -3.11 -22.33
N ASP B 203 -24.57 -2.21 -21.37
CA ASP B 203 -23.24 -1.67 -21.12
C ASP B 203 -23.02 -1.42 -19.63
N PHE B 204 -22.16 -0.45 -19.31
CA PHE B 204 -21.72 -0.19 -17.95
C PHE B 204 -22.86 0.21 -17.01
N LYS B 205 -24.00 0.66 -17.54
CA LYS B 205 -25.12 1.09 -16.70
C LYS B 205 -25.80 -0.06 -15.95
N SER B 206 -25.57 -1.30 -16.38
CA SER B 206 -26.10 -2.43 -15.62
C SER B 206 -25.52 -2.50 -14.21
N ASP B 207 -24.25 -2.08 -14.03
CA ASP B 207 -23.65 -2.08 -12.69
C ASP B 207 -24.32 -1.07 -11.75
N LEU B 208 -24.89 0.01 -12.30
CA LEU B 208 -25.58 0.99 -11.47
C LEU B 208 -26.94 0.48 -10.97
N TRP B 209 -27.63 -0.37 -11.76
CA TRP B 209 -28.83 -1.01 -11.23
C TRP B 209 -28.48 -1.98 -10.11
N SER B 210 -27.44 -2.79 -10.30
CA SER B 210 -26.99 -3.68 -9.23
C SER B 210 -26.64 -2.89 -7.96
N LEU B 211 -25.98 -1.73 -8.12
CA LEU B 211 -25.70 -0.91 -6.95
C LEU B 211 -26.99 -0.49 -6.23
N GLY B 212 -28.02 -0.07 -6.99
CA GLY B 212 -29.30 0.24 -6.38
C GLY B 212 -29.88 -0.92 -5.60
N ILE B 213 -29.81 -2.13 -6.17
CA ILE B 213 -30.30 -3.29 -5.43
C ILE B 213 -29.49 -3.53 -4.17
N THR B 214 -28.17 -3.35 -4.25
CA THR B 214 -27.32 -3.53 -3.06
C THR B 214 -27.65 -2.49 -1.98
N ALA B 215 -28.04 -1.29 -2.39
CA ALA B 215 -28.49 -0.31 -1.40
C ALA B 215 -29.76 -0.80 -0.70
N ILE B 216 -30.72 -1.31 -1.47
CA ILE B 216 -31.91 -1.87 -0.84
C ILE B 216 -31.52 -3.00 0.10
N GLU B 217 -30.61 -3.87 -0.35
CA GLU B 217 -30.09 -4.93 0.50
C GLU B 217 -29.57 -4.37 1.82
N MET B 218 -28.87 -3.25 1.77
CA MET B 218 -28.31 -2.66 2.98
C MET B 218 -29.39 -2.07 3.87
N ALA B 219 -30.44 -1.55 3.25
CA ALA B 219 -31.53 -0.95 4.00
C ALA B 219 -32.46 -1.98 4.59
N GLU B 220 -32.71 -3.08 3.87
CA GLU B 220 -33.81 -3.98 4.21
C GLU B 220 -33.37 -5.39 4.58
N GLY B 221 -32.09 -5.71 4.52
CA GLY B 221 -31.61 -7.02 4.87
C GLY B 221 -31.45 -7.99 3.70
N ALA B 222 -31.96 -7.64 2.52
CA ALA B 222 -32.07 -8.58 1.41
C ALA B 222 -32.48 -7.84 0.15
N PRO B 223 -32.13 -8.32 -1.04
CA PRO B 223 -32.63 -7.67 -2.26
C PRO B 223 -34.11 -7.96 -2.44
N PRO B 224 -34.82 -7.16 -3.24
CA PRO B 224 -36.23 -7.47 -3.49
C PRO B 224 -36.36 -8.84 -4.14
N LEU B 225 -37.53 -9.46 -3.96
CA LEU B 225 -37.82 -10.79 -4.49
C LEU B 225 -36.92 -11.88 -3.91
N CYS B 226 -36.21 -11.63 -2.80
CA CYS B 226 -35.35 -12.62 -2.16
CA CYS B 226 -35.33 -12.71 -2.38
C CYS B 226 -36.10 -13.90 -1.79
N ASP B 227 -37.41 -13.78 -1.54
CA ASP B 227 -38.25 -14.92 -1.14
C ASP B 227 -38.69 -15.78 -2.32
N MET B 228 -38.20 -15.53 -3.53
CA MET B 228 -38.60 -16.27 -4.71
C MET B 228 -37.43 -17.07 -5.26
N HIS B 229 -37.76 -18.20 -5.87
CA HIS B 229 -36.76 -18.98 -6.57
C HIS B 229 -36.10 -18.13 -7.65
N PRO B 230 -34.81 -18.29 -7.88
CA PRO B 230 -34.13 -17.44 -8.88
C PRO B 230 -34.81 -17.43 -10.25
N MET B 231 -35.38 -18.56 -10.66
CA MET B 231 -36.12 -18.64 -11.93
C MET B 231 -37.34 -17.73 -11.94
N ARG B 232 -38.17 -17.78 -10.89
CA ARG B 232 -39.29 -16.85 -10.81
CA ARG B 232 -39.30 -16.85 -10.84
C ARG B 232 -38.81 -15.40 -10.78
N ALA B 233 -37.68 -15.14 -10.10
CA ALA B 233 -37.19 -13.76 -10.02
C ALA B 233 -36.72 -13.25 -11.38
N LEU B 234 -36.05 -14.09 -12.16
CA LEU B 234 -35.67 -13.69 -13.51
C LEU B 234 -36.88 -13.39 -14.38
N PHE B 235 -37.99 -14.11 -14.15
CA PHE B 235 -39.21 -13.90 -14.90
C PHE B 235 -39.89 -12.59 -14.51
N LEU B 236 -39.78 -12.18 -13.24
CA LEU B 236 -40.50 -11.04 -12.69
C LEU B 236 -39.76 -9.72 -12.86
N ILE B 237 -38.43 -9.71 -12.74
CA ILE B 237 -37.69 -8.46 -12.77
C ILE B 237 -37.98 -7.62 -14.02
N PRO B 238 -37.92 -8.17 -15.24
CA PRO B 238 -38.29 -7.35 -16.40
C PRO B 238 -39.76 -6.90 -16.39
N ARG B 239 -40.63 -7.60 -15.68
CA ARG B 239 -42.06 -7.30 -15.72
C ARG B 239 -42.50 -6.34 -14.62
N ASN B 240 -41.96 -6.46 -13.41
CA ASN B 240 -42.42 -5.64 -12.28
C ASN B 240 -42.00 -4.18 -12.44
N PRO B 241 -42.64 -3.28 -11.71
CA PRO B 241 -42.11 -1.91 -11.62
C PRO B 241 -40.79 -1.88 -10.87
N ALA B 242 -40.08 -0.78 -11.05
CA ALA B 242 -38.79 -0.64 -10.41
C ALA B 242 -38.96 -0.79 -8.89
N PRO B 243 -38.10 -1.54 -8.22
CA PRO B 243 -38.21 -1.66 -6.76
C PRO B 243 -38.07 -0.32 -6.05
N ARG B 244 -38.70 -0.21 -4.89
CA ARG B 244 -38.62 0.96 -4.03
C ARG B 244 -38.39 0.49 -2.61
N LEU B 245 -38.00 1.40 -1.73
CA LEU B 245 -37.86 1.07 -0.32
C LEU B 245 -39.24 1.01 0.35
N LYS B 246 -39.45 -0.01 1.19
CA LYS B 246 -40.76 -0.24 1.78
C LYS B 246 -41.09 0.76 2.87
N SER B 247 -40.10 1.20 3.66
CA SER B 247 -40.36 2.03 4.83
C SER B 247 -40.37 3.51 4.49
N LYS B 248 -41.25 4.24 5.15
CA LYS B 248 -41.37 5.67 4.99
C LYS B 248 -40.39 6.43 5.87
N LYS B 249 -39.62 5.72 6.69
CA LYS B 249 -38.71 6.36 7.61
C LYS B 249 -37.43 6.84 6.95
N TRP B 250 -37.03 6.26 5.82
CA TRP B 250 -35.81 6.70 5.14
C TRP B 250 -35.95 8.14 4.64
N SER B 251 -34.82 8.80 4.45
CA SER B 251 -34.88 10.20 4.04
C SER B 251 -35.33 10.30 2.58
N LYS B 252 -35.83 11.49 2.21
CA LYS B 252 -36.21 11.73 0.82
C LYS B 252 -35.01 11.60 -0.11
N LYS B 253 -33.81 12.00 0.34
CA LYS B 253 -32.61 11.91 -0.49
C LYS B 253 -32.29 10.46 -0.81
N PHE B 254 -32.33 9.60 0.20
CA PHE B 254 -32.15 8.17 -0.03
C PHE B 254 -33.22 7.61 -0.98
N GLN B 255 -34.49 7.86 -0.69
CA GLN B 255 -35.56 7.44 -1.59
C GLN B 255 -35.29 7.93 -3.02
N SER B 256 -34.91 9.21 -3.18
CA SER B 256 -34.65 9.72 -4.52
C SER B 256 -33.45 9.05 -5.18
N PHE B 257 -32.43 8.70 -4.39
CA PHE B 257 -31.26 8.01 -4.95
C PHE B 257 -31.62 6.63 -5.49
N ILE B 258 -32.45 5.89 -4.75
CA ILE B 258 -32.89 4.58 -5.24
C ILE B 258 -33.64 4.72 -6.57
N GLU B 259 -34.54 5.71 -6.66
CA GLU B 259 -35.28 5.85 -7.90
C GLU B 259 -34.36 6.21 -9.06
N SER B 260 -33.24 6.88 -8.80
CA SER B 260 -32.30 7.16 -9.88
C SER B 260 -31.48 5.94 -10.26
N CYS B 261 -31.18 5.06 -9.30
CA CYS B 261 -30.45 3.84 -9.62
C CYS B 261 -31.32 2.87 -10.42
N LEU B 262 -32.57 2.70 -9.99
CA LEU B 262 -33.45 1.66 -10.51
C LEU B 262 -34.45 2.26 -11.50
N VAL B 263 -33.89 2.77 -12.58
CA VAL B 263 -34.62 3.08 -13.79
C VAL B 263 -34.49 1.87 -14.69
N LYS B 264 -35.62 1.31 -15.13
CA LYS B 264 -35.60 0.07 -15.90
C LYS B 264 -35.10 0.30 -17.33
N ASN B 265 -35.58 1.34 -18.01
CA ASN B 265 -35.04 1.68 -19.31
C ASN B 265 -33.63 2.23 -19.14
N HIS B 266 -32.62 1.48 -19.60
CA HIS B 266 -31.23 1.83 -19.30
C HIS B 266 -30.81 3.13 -19.96
N SER B 267 -31.36 3.45 -21.13
CA SER B 267 -30.94 4.69 -21.79
C SER B 267 -31.47 5.94 -21.09
N GLN B 268 -32.51 5.81 -20.26
CA GLN B 268 -32.90 6.89 -19.34
C GLN B 268 -32.22 6.80 -17.96
N ARG B 269 -31.44 5.73 -17.69
CA ARG B 269 -30.78 5.63 -16.40
C ARG B 269 -29.55 6.54 -16.38
N PRO B 270 -29.33 7.29 -15.30
CA PRO B 270 -28.13 8.14 -15.21
C PRO B 270 -26.86 7.31 -15.39
N ALA B 271 -25.79 7.98 -15.84
CA ALA B 271 -24.49 7.34 -15.94
C ALA B 271 -23.76 7.45 -14.60
N THR B 272 -22.56 6.86 -14.53
CA THR B 272 -21.88 6.74 -13.26
C THR B 272 -21.53 8.10 -12.67
N GLU B 273 -21.00 9.00 -13.49
CA GLU B 273 -20.62 10.32 -12.97
C GLU B 273 -21.85 11.17 -12.64
N GLN B 274 -22.92 11.08 -13.45
CA GLN B 274 -24.20 11.68 -13.07
C GLN B 274 -24.66 11.18 -11.70
N LEU B 275 -24.75 9.86 -11.56
CA LEU B 275 -25.13 9.26 -10.29
C LEU B 275 -24.27 9.77 -9.13
N MET B 276 -22.99 10.00 -9.40
CA MET B 276 -22.10 10.48 -8.33
C MET B 276 -22.46 11.87 -7.83
N LYS B 277 -23.14 12.69 -8.64
CA LYS B 277 -23.54 14.03 -8.25
C LYS B 277 -24.88 14.06 -7.53
N HIS B 278 -25.49 12.92 -7.31
CA HIS B 278 -26.73 12.89 -6.56
C HIS B 278 -26.49 13.33 -5.12
N PRO B 279 -27.40 14.14 -4.56
CA PRO B 279 -27.18 14.65 -3.19
C PRO B 279 -26.96 13.57 -2.12
N PHE B 280 -27.62 12.41 -2.25
CA PHE B 280 -27.34 11.29 -1.35
C PHE B 280 -25.85 10.96 -1.32
N ILE B 281 -25.17 11.07 -2.46
CA ILE B 281 -23.73 10.80 -2.55
C ILE B 281 -22.91 12.06 -2.30
N ARG B 282 -23.27 13.16 -2.98
CA ARG B 282 -22.49 14.40 -2.99
C ARG B 282 -22.41 15.03 -1.60
N ASP B 283 -23.57 15.40 -1.03
CA ASP B 283 -23.63 15.95 0.33
C ASP B 283 -23.98 14.83 1.31
N GLN B 284 -22.95 14.32 1.96
CA GLN B 284 -23.00 13.48 3.15
C GLN B 284 -21.80 13.92 3.98
N PRO B 285 -21.78 13.62 5.29
CA PRO B 285 -20.61 14.04 6.09
C PRO B 285 -19.34 13.39 5.55
N ASN B 286 -18.20 13.99 5.91
CA ASN B 286 -16.96 13.57 5.26
C ASN B 286 -16.61 12.11 5.62
N GLU B 287 -15.88 11.46 4.71
CA GLU B 287 -15.69 10.02 4.78
C GLU B 287 -15.05 9.57 6.08
N ARG B 288 -14.11 10.36 6.62
CA ARG B 288 -13.37 9.90 7.79
C ARG B 288 -14.26 9.86 9.03
N GLN B 289 -15.05 10.91 9.24
CA GLN B 289 -16.02 10.91 10.33
C GLN B 289 -16.96 9.70 10.24
N VAL B 290 -17.52 9.44 9.07
CA VAL B 290 -18.49 8.35 8.98
C VAL B 290 -17.78 7.01 9.06
N ARG B 291 -16.60 6.90 8.42
CA ARG B 291 -15.85 5.65 8.41
C ARG B 291 -15.55 5.18 9.83
N ILE B 292 -15.11 6.10 10.69
CA ILE B 292 -14.81 5.76 12.07
C ILE B 292 -16.08 5.37 12.82
N GLN B 293 -17.22 6.00 12.50
CA GLN B 293 -18.48 5.57 13.13
C GLN B 293 -18.84 4.14 12.70
N LEU B 294 -18.67 3.83 11.41
CA LEU B 294 -18.91 2.47 10.95
C LEU B 294 -17.90 1.50 11.56
N LYS B 295 -16.63 1.91 11.66
CA LYS B 295 -15.60 1.03 12.19
C LYS B 295 -15.87 0.70 13.66
N ASP B 296 -16.35 1.67 14.42
CA ASP B 296 -16.77 1.41 15.80
C ASP B 296 -17.93 0.43 15.85
N HIS B 297 -18.87 0.54 14.93
CA HIS B 297 -19.96 -0.43 14.92
C HIS B 297 -19.45 -1.82 14.59
N ILE B 298 -18.50 -1.92 13.65
CA ILE B 298 -17.95 -3.23 13.31
C ILE B 298 -17.24 -3.83 14.50
N ASP B 299 -16.47 -3.01 15.22
CA ASP B 299 -15.71 -3.53 16.35
C ASP B 299 -16.64 -3.88 17.51
N ARG B 300 -17.70 -3.08 17.69
CA ARG B 300 -18.63 -3.29 18.79
C ARG B 300 -19.40 -4.60 18.64
N THR B 301 -19.90 -4.90 17.42
CA THR B 301 -20.69 -6.12 17.22
C THR B 301 -19.84 -7.39 17.20
N LYS B 302 -18.61 -7.35 16.69
CA LYS B 302 -17.73 -8.52 16.78
C LYS B 302 -17.42 -8.88 18.24
N LYS B 303 -17.36 -7.89 19.13
CA LYS B 303 -17.10 -8.17 20.55
C LYS B 303 -18.26 -8.93 21.18
N LYS B 304 -19.48 -8.41 21.04
CA LYS B 304 -20.68 -9.09 21.55
C LYS B 304 -20.92 -10.38 20.77
CA DHA C 1 3.67 2.27 8.81
CB DHA C 1 2.46 1.60 8.98
C DHA C 1 4.86 1.73 9.50
O DHA C 1 5.10 1.95 10.69
N TRP C 2 5.57 0.89 8.74
CA TRP C 2 6.70 0.16 9.27
C TRP C 2 7.82 -0.14 8.27
N THR C 3 8.88 -0.75 8.78
CA THR C 3 10.08 -1.03 8.03
C THR C 3 10.41 -2.51 8.15
N ILE C 4 11.06 -3.05 7.13
CA ILE C 4 11.38 -4.47 7.10
C ILE C 4 12.81 -4.65 7.60
N ARG C 5 12.97 -5.52 8.63
CA ARG C 5 14.25 -5.89 9.22
C ARG C 5 14.61 -7.30 8.75
N THR C 6 15.74 -7.82 9.24
CA THR C 6 16.13 -9.20 8.98
C THR C 6 15.19 -10.21 9.67
N ARG C 7 15.14 -11.41 9.08
CA ARG C 7 14.58 -12.61 9.73
C ARG C 7 13.06 -12.57 9.88
N GLY C 8 12.37 -11.87 8.98
CA GLY C 8 10.91 -11.86 9.02
C GLY C 8 10.33 -10.98 10.09
N ARG C 9 11.07 -9.99 10.55
CA ARG C 9 10.62 -9.03 11.53
C ARG C 9 10.30 -7.69 10.87
N ILE C 10 9.38 -6.95 11.48
CA ILE C 10 9.15 -5.56 11.12
C ILE C 10 9.17 -4.74 12.38
N ALA C 11 9.27 -3.43 12.21
CA ALA C 11 9.15 -2.53 13.34
C ALA C 11 8.57 -1.20 12.88
N THR C 12 8.03 -0.42 13.81
CA THR C 12 7.48 0.90 13.48
CA THR C 12 7.47 0.89 13.47
C THR C 12 8.54 1.70 12.80
N BB9 C 13 8.37 2.45 11.71
CA BB9 C 13 9.61 3.04 11.32
C BB9 C 13 9.74 3.92 10.13
O BB9 C 13 10.86 4.27 9.77
CB BB9 C 13 10.65 2.71 12.17
SG BB9 C 13 10.14 1.70 13.43
N DHA C 14 8.63 4.30 9.44
CA DHA C 14 8.42 5.09 8.27
CB DHA C 14 9.39 5.80 7.65
C DHA C 14 7.03 4.96 7.79
N BB9 C 15 6.12 4.14 8.28
CA BB9 C 15 4.89 4.18 7.63
C BB9 C 15 3.70 3.39 7.93
CB BB9 C 15 4.90 5.12 6.62
SG BB9 C 15 6.40 5.91 6.45
N DHA C 16 2.58 3.76 7.31
CA DHA C 16 1.40 3.15 7.49
CB DHA C 16 1.31 2.02 8.32
C DHA C 16 0.26 3.63 6.70
N BB9 C 17 -0.94 3.14 6.60
CA BB9 C 17 -1.76 3.79 5.68
C BB9 C 17 -3.17 3.44 5.46
O BB9 C 17 -3.66 2.51 6.12
CB BB9 C 17 -1.14 4.80 5.01
SG BB9 C 17 0.52 4.95 5.53
C MOH C 18 -5.19 3.47 4.02
O MOH C 18 -3.97 4.08 4.56
CA DHA D 1 -30.40 -19.92 -4.69
CB DHA D 1 -31.32 -20.96 -4.91
C DHA D 1 -29.07 -20.04 -5.30
O DHA D 1 -28.18 -20.75 -4.80
N TRP D 2 -28.94 -19.40 -6.46
CA TRP D 2 -27.67 -19.52 -7.17
C TRP D 2 -27.27 -18.32 -8.04
N THR D 3 -26.07 -18.38 -8.62
CA THR D 3 -25.57 -17.34 -9.51
C THR D 3 -25.24 -17.97 -10.86
N ILE D 4 -25.15 -17.13 -11.89
CA ILE D 4 -24.87 -17.56 -13.26
C ILE D 4 -23.44 -17.15 -13.59
N ARG D 5 -22.55 -18.12 -13.83
CA ARG D 5 -21.17 -17.81 -14.17
C ARG D 5 -21.03 -17.77 -15.70
N THR D 6 -19.80 -17.76 -16.19
CA THR D 6 -19.58 -17.77 -17.63
C THR D 6 -20.05 -19.09 -18.24
N ARG D 7 -20.31 -19.04 -19.55
CA ARG D 7 -20.73 -20.22 -20.33
C ARG D 7 -22.08 -20.75 -19.83
N GLY D 8 -22.89 -19.86 -19.27
CA GLY D 8 -24.19 -20.23 -18.75
C GLY D 8 -24.17 -21.23 -17.62
N ARG D 9 -23.02 -21.44 -16.97
CA ARG D 9 -22.96 -22.38 -15.87
C ARG D 9 -23.49 -21.75 -14.60
N ILE D 10 -24.32 -22.48 -13.85
CA ILE D 10 -24.84 -21.96 -12.60
C ILE D 10 -24.16 -22.68 -11.43
N ALA D 11 -23.81 -21.90 -10.41
CA ALA D 11 -23.26 -22.39 -9.18
C ALA D 11 -24.00 -21.73 -8.03
N THR D 12 -23.87 -22.27 -6.82
CA THR D 12 -24.48 -21.66 -5.64
C THR D 12 -23.95 -20.29 -5.42
N BB9 D 13 -24.67 -19.29 -5.02
CA BB9 D 13 -23.91 -18.13 -4.92
C BB9 D 13 -24.53 -16.88 -4.50
O BB9 D 13 -23.85 -15.87 -4.55
CB BB9 D 13 -22.59 -18.32 -5.24
SG BB9 D 13 -22.27 -19.93 -5.66
N DHA D 14 -25.85 -16.86 -4.13
CA DHA D 14 -26.73 -15.81 -3.68
CB DHA D 14 -26.33 -14.54 -3.42
C DHA D 14 -28.13 -16.25 -3.53
N BB9 D 15 -28.65 -17.40 -3.87
CA BB9 D 15 -30.01 -17.56 -3.63
C BB9 D 15 -30.85 -18.77 -3.92
CB BB9 D 15 -30.52 -16.43 -3.04
SG BB9 D 15 -29.34 -15.18 -2.81
N DHA D 16 -32.14 -18.78 -3.46
CA DHA D 16 -33.00 -19.82 -3.66
CB DHA D 16 -32.62 -20.93 -4.42
C DHA D 16 -34.40 -19.67 -3.21
N BB9 D 17 -35.44 -20.40 -3.47
CA BB9 D 17 -36.66 -19.88 -2.97
C BB9 D 17 -37.96 -20.54 -3.12
O BB9 D 17 -38.02 -21.47 -3.90
CB BB9 D 17 -36.52 -18.64 -2.38
SG BB9 D 17 -34.89 -18.13 -2.44
C MOH D 18 -40.34 -19.84 -3.25
O MOH D 18 -39.13 -20.13 -2.48
PG ANP E . 19.14 1.27 12.97
O1G ANP E . 18.39 0.48 14.07
O2G ANP E . 20.69 1.21 12.98
O3G ANP E . 18.53 0.98 11.58
PB ANP E . 17.40 3.61 13.90
O1B ANP E . 16.41 4.27 12.96
O2B ANP E . 16.94 3.25 15.31
N3B ANP E . 18.78 2.99 13.38
PA ANP E . 18.93 6.10 13.63
O1A ANP E . 20.43 6.26 13.73
O2A ANP E . 18.28 6.53 12.34
O3A ANP E . 18.20 5.08 14.55
O5' ANP E . 18.37 7.49 14.59
C5' ANP E . 17.07 7.66 14.82
C4' ANP E . 16.73 9.19 14.88
O4' ANP E . 17.42 9.85 15.97
C3' ANP E . 17.14 9.89 13.56
O3' ANP E . 16.15 9.81 12.62
C2' ANP E . 17.31 11.35 14.15
O2' ANP E . 16.09 11.90 14.36
C1' ANP E . 17.92 11.10 15.52
N9 ANP E . 19.40 11.01 15.34
C8 ANP E . 20.19 9.92 14.96
N7 ANP E . 21.47 10.28 14.92
C5 ANP E . 21.51 11.60 15.27
C6 ANP E . 22.53 12.53 15.39
N6 ANP E . 23.83 12.08 15.13
N1 ANP E . 22.32 13.82 15.77
C2 ANP E . 21.01 14.16 16.00
N3 ANP E . 19.91 13.38 15.91
C4 ANP E . 20.20 12.13 15.54
MG MG F . 16.55 5.40 11.28
S SO4 G . 27.68 -7.89 5.59
O1 SO4 G . 26.30 -7.83 6.06
O2 SO4 G . 28.57 -7.75 6.75
O3 SO4 G . 27.95 -9.20 4.98
O4 SO4 G . 27.90 -6.82 4.62
S SO4 H . 38.86 7.39 1.84
O1 SO4 H . 37.46 7.25 2.26
O2 SO4 H . 39.19 8.81 1.78
O3 SO4 H . 39.72 6.71 2.81
O4 SO4 H . 39.05 6.79 0.51
C1 PGE I . 9.69 5.18 14.77
O1 PGE I . 9.16 5.42 16.07
C2 PGE I . 9.73 6.48 13.96
O2 PGE I . 9.24 6.28 12.64
C3 PGE I . 8.15 7.13 12.29
C4 PGE I . 7.11 6.38 11.43
O4 PGE I . 2.58 6.61 9.88
C6 PGE I . 3.59 7.08 10.79
C5 PGE I . 4.98 6.70 10.31
O3 PGE I . 5.97 7.21 11.19
PG ANP J . -16.02 -15.96 -6.29
O1G ANP J . -17.17 -15.49 -5.41
O2G ANP J . -15.33 -17.26 -5.94
O3G ANP J . -16.39 -15.84 -7.79
PB ANP J . -14.89 -13.93 -4.52
O1B ANP J . -16.08 -13.06 -4.18
O2B ANP J . -13.58 -13.76 -3.80
N3B ANP J . -14.85 -14.72 -5.92
PA ANP J . -15.13 -15.54 -2.08
O1A ANP J . -15.86 -16.65 -1.35
O2A ANP J . -13.93 -14.87 -1.48
O3A ANP J . -15.26 -15.41 -3.61
O5' ANP J . -16.31 -14.10 -1.67
C5' ANP J . -15.99 -13.32 -0.61
C4' ANP J . -15.84 -14.18 0.68
O4' ANP J . -14.46 -14.64 0.83
C3' ANP J . -16.22 -13.37 1.96
O3' ANP J . -16.60 -14.21 2.95
C2' ANP J . -14.81 -12.79 2.28
O2' ANP J . -14.65 -12.79 3.66
C1' ANP J . -13.78 -13.80 1.67
N9 ANP J . -12.84 -13.04 0.86
C8 ANP J . -12.67 -12.95 -0.53
N7 ANP J . -11.71 -12.09 -0.86
C5 ANP J . -11.28 -11.60 0.38
C6 ANP J . -10.31 -10.65 0.76
N6 ANP J . -9.58 -10.03 -0.24
N1 ANP J . -10.08 -10.35 2.06
C2 ANP J . -10.84 -10.99 3.00
N3 ANP J . -11.81 -11.92 2.81
C4 ANP J . -11.99 -12.18 1.48
MG MG K . -18.67 -13.91 -4.59
S SO4 L . -5.59 4.97 -13.79
O1 SO4 L . -6.36 6.04 -14.44
O2 SO4 L . -4.94 5.55 -12.62
O3 SO4 L . -6.45 3.85 -13.38
O4 SO4 L . -4.60 4.44 -14.74
#